data_7G6D
#
_entry.id   7G6D
#
_cell.length_a   84.142
_cell.length_b   91.682
_cell.length_c   119.036
_cell.angle_alpha   90.000
_cell.angle_beta   90.000
_cell.angle_gamma   90.000
#
_symmetry.space_group_name_H-M   'P 21 21 21'
#
loop_
_entity.id
_entity.type
_entity.pdbx_description
1 polymer 'Isoform 2 of Ectonucleotide pyrophosphatase/phosphodiesterase family member 2'
2 branched alpha-D-mannopyranose-(1-2)-alpha-D-mannopyranose-(1-3)-alpha-D-mannopyranose-(1-6)-[alpha-D-mannopyranose-(1-2)-alpha-D-mannopyranose-(1-3)]beta-D-mannopyranose-(1-4)-2-acetamido-2-deoxy-beta-D-glucopyranose-(1-4)-2-acetamido-2-deoxy-beta-D-glucopyranose
3 non-polymer 10-{[3-(trifluoromethoxy)phenyl]methyl}-3,4,5,10-tetrahydroazepino[3,4-b]indole-2(1H)-carboxamide
4 non-polymer 'ACETATE ION'
5 non-polymer 'CALCIUM ION'
6 non-polymer 'POTASSIUM ION'
7 non-polymer 'CHLORIDE ION'
8 non-polymer 'ZINC ION'
9 non-polymer 'SODIUM ION'
10 water water
#
_entity_poly.entity_id   1
_entity_poly.type   'polypeptide(L)'
_entity_poly.pdbx_seq_one_letter_code
;FTASRIKRAEWDEGPPTVLSDSPWTATSGSCKGRCFELQEVGPPDCRCDNLCKSYSSCCHDFDELCLKTARGWECTKDRC
GEVRNEENACHCSEDCLSRGDCCTNYQVVCKGESHWVDDDCEEIKVPECPAGFVRPPLIIFSVDGFRASYMKKGSKVMPN
IEKLRSCGTHAPYMRPVYPTKTFPNLYTLATGLYPESHGIVGNSMYDPVFDASFHLRGREKFNHRWWGGQPLWITATKQG
VRAGTFFWSVSIPHERRILTILQWLSLPDNERPSVYAFYSEQPDFSGHKYGPFGPEMTNPLREIDKTVGQLMDGLKQLRL
HRCVNVIFVGDHGMEDVTCDRTEFLSNYLTNVDDITLVPGTLGRIRAKSINNSKYDPKTIIAALTCKKPDQHFKPYMKQH
LPKRLHYANNRRIEDIHLLVDRRWHVARKPLDVYKKPSGKCFFQGDHGFDNKVNSMQTVFVGYGPTFKYRTKVPPFENIE
LYNVMCDLLGLKPAPNNGTHGSLNHLLRTNTFRPTMPDEVSRPNYPGIMYLQSEFDLGCTCDDKVEPKNKLEELNKRLHT
KGSTKERHLLYGRPAVLYRTSYDILYHTDFESGYSEIFLMPLWTSYTISKQAEVSSIPEHLTNCVRPDVRVSPGFSQNCL
AYKNDKQMSYGFLFPPYLSSSPEAKYDAFLVTNMVPMYPAFKRVWAYFQRVLVKKYASERNGVNVISGPIFDYNYDGLRD
TEDEIKQYVEGSSIPVPTHYYSIITSCLDFTQPADKCDGPLSVSSFILPHRPDNDESCNSSEDESKWVEELMKMHTARVR
DIEHLTGLDFYRKTSRSYSEILTLKTYLHTYESEIGGRHHHHHHHH
;
_entity_poly.pdbx_strand_id   A
#
loop_
_chem_comp.id
_chem_comp.type
_chem_comp.name
_chem_comp.formula
ACT non-polymer 'ACETATE ION' 'C2 H3 O2 -1'
BMA D-saccharide, beta linking beta-D-mannopyranose 'C6 H12 O6'
CA non-polymer 'CALCIUM ION' 'Ca 2'
CL non-polymer 'CHLORIDE ION' 'Cl -1'
K non-polymer 'POTASSIUM ION' 'K 1'
MAN D-saccharide, alpha linking alpha-D-mannopyranose 'C6 H12 O6'
NA non-polymer 'SODIUM ION' 'Na 1'
NAG D-saccharide, beta linking 2-acetamido-2-deoxy-beta-D-glucopyranose 'C8 H15 N O6'
Y4Z non-polymer 10-{[3-(trifluoromethoxy)phenyl]methyl}-3,4,5,10-tetrahydroazepino[3,4-b]indole-2(1H)-carboxamide 'C21 H20 F3 N3 O2'
ZN non-polymer 'ZINC ION' 'Zn 2'
#
# COMPACT_ATOMS: atom_id res chain seq x y z
N TRP A 24 -26.88 -15.00 -26.68
CA TRP A 24 -28.16 -14.53 -27.26
C TRP A 24 -29.08 -13.95 -26.19
N THR A 25 -29.73 -12.83 -26.54
CA THR A 25 -30.75 -12.21 -25.70
C THR A 25 -32.06 -12.08 -26.48
N ALA A 26 -33.10 -12.73 -25.98
CA ALA A 26 -34.47 -12.55 -26.49
C ALA A 26 -35.01 -11.26 -25.87
N THR A 27 -34.69 -10.14 -26.51
CA THR A 27 -34.90 -8.79 -25.94
C THR A 27 -36.36 -8.27 -25.99
N SER A 28 -37.30 -9.21 -26.16
CA SER A 28 -38.73 -8.92 -26.32
C SER A 28 -39.60 -9.06 -25.05
N GLY A 29 -38.98 -9.35 -23.90
CA GLY A 29 -39.61 -9.13 -22.59
C GLY A 29 -39.66 -7.63 -22.25
N SER A 30 -40.18 -7.27 -21.08
CA SER A 30 -40.34 -5.87 -20.73
C SER A 30 -39.76 -5.45 -19.36
N CYS A 31 -39.28 -4.20 -19.28
CA CYS A 31 -38.72 -3.68 -18.03
C CYS A 31 -39.74 -3.05 -17.14
N LYS A 32 -41.02 -3.16 -17.49
CA LYS A 32 -42.10 -2.60 -16.68
C LYS A 32 -42.02 -3.09 -15.22
N GLY A 33 -42.07 -2.14 -14.29
CA GLY A 33 -41.79 -2.39 -12.86
C GLY A 33 -40.46 -3.05 -12.46
N ARG A 34 -39.47 -3.10 -13.37
CA ARG A 34 -38.20 -3.82 -13.15
C ARG A 34 -36.98 -2.92 -13.23
N CYS A 35 -37.20 -1.61 -13.35
CA CYS A 35 -36.10 -0.71 -13.73
C CYS A 35 -35.04 -0.74 -12.62
N PHE A 36 -33.79 -1.07 -13.01
CA PHE A 36 -32.66 -1.15 -12.07
C PHE A 36 -32.86 -2.20 -10.97
N GLU A 37 -33.53 -3.29 -11.37
CA GLU A 37 -33.67 -4.47 -10.55
C GLU A 37 -32.31 -4.92 -10.00
N LEU A 38 -32.32 -5.41 -8.78
CA LEU A 38 -31.11 -5.76 -8.04
C LEU A 38 -30.48 -7.12 -8.38
N GLN A 39 -31.31 -8.15 -8.61
CA GLN A 39 -30.81 -9.47 -9.03
C GLN A 39 -30.90 -9.53 -10.54
N GLU A 40 -29.79 -9.86 -11.18
CA GLU A 40 -29.74 -9.95 -12.62
C GLU A 40 -30.35 -11.29 -13.06
N VAL A 41 -31.33 -11.26 -13.97
CA VAL A 41 -31.94 -12.49 -14.48
C VAL A 41 -31.10 -13.14 -15.57
N GLY A 42 -31.25 -14.45 -15.73
CA GLY A 42 -30.39 -15.25 -16.60
C GLY A 42 -30.85 -15.32 -18.05
N PRO A 43 -29.89 -15.41 -19.00
CA PRO A 43 -30.12 -15.57 -20.45
C PRO A 43 -31.08 -16.71 -20.81
N PRO A 44 -31.68 -16.65 -22.02
CA PRO A 44 -31.77 -15.41 -22.82
C PRO A 44 -32.99 -14.52 -22.47
N ASP A 45 -33.39 -14.50 -21.19
CA ASP A 45 -34.38 -13.51 -20.71
C ASP A 45 -33.69 -12.15 -20.70
N CYS A 46 -34.41 -11.10 -21.06
CA CYS A 46 -33.81 -9.76 -21.15
C CYS A 46 -33.67 -9.08 -19.78
N ARG A 47 -32.66 -8.21 -19.68
CA ARG A 47 -32.26 -7.63 -18.41
C ARG A 47 -32.68 -6.17 -18.27
N CYS A 48 -32.91 -5.76 -17.03
CA CYS A 48 -33.26 -4.38 -16.71
C CYS A 48 -32.33 -3.81 -15.62
N ASP A 49 -31.22 -4.50 -15.35
CA ASP A 49 -30.28 -4.12 -14.27
C ASP A 49 -29.32 -3.02 -14.76
N ASN A 50 -28.62 -2.37 -13.84
CA ASN A 50 -27.77 -1.23 -14.25
C ASN A 50 -26.59 -1.58 -15.16
N LEU A 51 -26.35 -2.88 -15.38
CA LEU A 51 -25.33 -3.36 -16.30
C LEU A 51 -25.85 -3.90 -17.66
N CYS A 52 -27.16 -3.94 -17.84
CA CYS A 52 -27.70 -4.56 -19.06
C CYS A 52 -27.12 -4.00 -20.37
N LYS A 53 -26.94 -2.68 -20.45
CA LYS A 53 -26.36 -2.02 -21.64
C LYS A 53 -24.97 -2.56 -22.01
N SER A 54 -24.17 -2.87 -20.98
CA SER A 54 -22.79 -3.34 -21.16
C SER A 54 -22.69 -4.74 -21.77
N TYR A 55 -23.78 -5.48 -21.71
CA TYR A 55 -23.86 -6.83 -22.22
C TYR A 55 -24.78 -6.91 -23.45
N SER A 56 -25.10 -5.77 -24.06
CA SER A 56 -26.12 -5.70 -25.14
C SER A 56 -27.39 -6.50 -24.79
N SER A 57 -27.88 -6.40 -23.57
CA SER A 57 -28.89 -7.35 -23.14
C SER A 57 -30.16 -6.74 -22.57
N CYS A 58 -30.33 -5.43 -22.65
CA CYS A 58 -31.52 -4.78 -22.06
C CYS A 58 -32.76 -5.16 -22.85
N CYS A 59 -33.92 -5.18 -22.19
CA CYS A 59 -35.20 -5.30 -22.88
C CYS A 59 -35.41 -4.10 -23.80
N HIS A 60 -36.24 -4.33 -24.83
CA HIS A 60 -36.58 -3.35 -25.84
C HIS A 60 -36.98 -1.97 -25.27
N ASP A 61 -37.68 -1.96 -24.13
CA ASP A 61 -38.22 -0.72 -23.52
C ASP A 61 -37.40 -0.16 -22.36
N PHE A 62 -36.19 -0.67 -22.19
CA PHE A 62 -35.31 -0.16 -21.12
C PHE A 62 -35.14 1.36 -21.21
N ASP A 63 -34.74 1.88 -22.37
CA ASP A 63 -34.56 3.34 -22.45
C ASP A 63 -35.81 4.09 -22.09
N GLU A 64 -36.93 3.66 -22.68
CA GLU A 64 -38.19 4.38 -22.53
C GLU A 64 -38.62 4.41 -21.05
N LEU A 65 -38.61 3.24 -20.40
CA LEU A 65 -39.07 3.11 -19.02
C LEU A 65 -38.03 3.56 -17.98
N CYS A 66 -36.76 3.21 -18.18
CA CYS A 66 -35.75 3.28 -17.11
C CYS A 66 -34.82 4.47 -17.25
N LEU A 67 -34.68 4.99 -18.47
CA LEU A 67 -33.79 6.12 -18.68
C LEU A 67 -34.56 7.38 -19.12
N LYS A 68 -35.67 7.64 -18.44
CA LYS A 68 -36.43 8.86 -18.67
C LYS A 68 -35.59 10.09 -18.46
N THR A 69 -35.83 11.11 -19.29
CA THR A 69 -35.03 12.35 -19.24
C THR A 69 -35.93 13.56 -19.28
N ALA A 70 -37.21 13.38 -19.67
CA ALA A 70 -38.11 14.50 -19.86
C ALA A 70 -38.05 15.49 -18.71
N ARG A 71 -37.86 16.76 -19.08
CA ARG A 71 -37.94 17.89 -18.16
C ARG A 71 -36.67 18.01 -17.29
N GLY A 72 -35.73 17.09 -17.49
CA GLY A 72 -34.42 17.15 -16.80
C GLY A 72 -34.47 16.75 -15.33
N TRP A 73 -33.57 17.32 -14.53
CA TRP A 73 -33.25 16.77 -13.22
C TRP A 73 -33.62 17.68 -12.06
N GLU A 74 -34.22 18.82 -12.34
CA GLU A 74 -34.53 19.74 -11.26
C GLU A 74 -35.96 20.23 -11.27
N CYS A 75 -36.56 20.36 -10.09
CA CYS A 75 -37.86 20.97 -9.95
C CYS A 75 -37.67 22.46 -10.20
N THR A 76 -38.72 23.13 -10.67
CA THR A 76 -38.74 24.60 -10.80
C THR A 76 -40.03 25.07 -10.15
N LYS A 77 -40.13 26.37 -9.85
CA LYS A 77 -41.29 26.92 -9.12
C LYS A 77 -42.63 26.47 -9.71
N ASP A 78 -42.71 26.48 -11.03
CA ASP A 78 -43.95 26.13 -11.75
C ASP A 78 -44.28 24.64 -11.80
N ARG A 79 -43.36 23.77 -11.39
CA ARG A 79 -43.62 22.33 -11.36
C ARG A 79 -44.15 21.84 -10.00
N CYS A 80 -44.05 22.71 -8.98
CA CYS A 80 -44.45 22.34 -7.62
C CYS A 80 -45.93 21.96 -7.55
N GLY A 81 -46.21 20.81 -6.94
CA GLY A 81 -47.58 20.31 -6.85
C GLY A 81 -48.22 19.84 -8.15
N GLU A 82 -47.47 19.89 -9.27
CA GLU A 82 -47.92 19.32 -10.56
C GLU A 82 -48.62 17.97 -10.40
N VAL A 83 -49.41 17.61 -11.41
CA VAL A 83 -50.04 16.30 -11.48
C VAL A 83 -48.98 15.31 -11.96
N ARG A 84 -48.77 14.23 -11.22
CA ARG A 84 -47.77 13.24 -11.59
C ARG A 84 -47.83 12.95 -13.10
N ASN A 85 -46.70 13.13 -13.79
CA ASN A 85 -46.57 12.68 -15.14
C ASN A 85 -45.43 11.64 -15.16
N GLU A 86 -45.79 10.36 -15.34
CA GLU A 86 -44.82 9.26 -15.25
C GLU A 86 -43.67 9.33 -16.26
N GLU A 87 -43.82 10.14 -17.32
CA GLU A 87 -42.75 10.34 -18.32
C GLU A 87 -41.55 11.18 -17.83
N ASN A 88 -41.74 11.97 -16.79
CA ASN A 88 -40.69 12.89 -16.32
C ASN A 88 -39.52 12.13 -15.72
N ALA A 89 -38.33 12.70 -15.84
CA ALA A 89 -37.13 12.08 -15.30
C ALA A 89 -37.26 11.97 -13.78
N CYS A 90 -37.77 13.00 -13.14
CA CYS A 90 -38.03 12.95 -11.70
C CYS A 90 -39.25 13.81 -11.46
N HIS A 91 -39.71 13.89 -10.23
CA HIS A 91 -41.05 14.43 -9.99
C HIS A 91 -41.08 15.51 -8.96
N CYS A 92 -42.14 16.33 -9.04
CA CYS A 92 -42.33 17.50 -8.20
C CYS A 92 -43.77 17.56 -7.73
N SER A 93 -44.47 16.46 -7.97
CA SER A 93 -45.85 16.26 -7.52
C SER A 93 -45.85 16.01 -6.03
N GLU A 94 -47.01 16.18 -5.40
CA GLU A 94 -47.14 16.01 -3.96
C GLU A 94 -46.84 14.60 -3.46
N ASP A 95 -47.10 13.59 -4.27
CA ASP A 95 -46.90 12.21 -3.87
C ASP A 95 -45.45 11.73 -4.08
N CYS A 96 -44.54 12.61 -4.50
CA CYS A 96 -43.21 12.14 -4.91
C CYS A 96 -42.39 11.64 -3.71
N LEU A 97 -42.50 12.30 -2.55
CA LEU A 97 -41.75 11.86 -1.35
C LEU A 97 -42.04 10.39 -0.99
N SER A 98 -43.30 9.98 -0.99
CA SER A 98 -43.65 8.59 -0.64
C SER A 98 -43.49 7.60 -1.80
N ARG A 99 -43.48 8.11 -3.03
CA ARG A 99 -43.02 7.32 -4.18
C ARG A 99 -41.48 7.15 -4.14
N GLY A 100 -40.79 8.03 -3.39
CA GLY A 100 -39.30 8.05 -3.34
C GLY A 100 -38.63 8.44 -4.66
N ASP A 101 -39.29 9.29 -5.44
CA ASP A 101 -38.79 9.68 -6.76
C ASP A 101 -38.90 11.19 -7.08
N CYS A 102 -38.89 12.04 -6.06
CA CYS A 102 -38.75 13.48 -6.29
C CYS A 102 -37.37 13.80 -6.92
N CYS A 103 -37.31 14.88 -7.71
CA CYS A 103 -36.02 15.50 -8.04
C CYS A 103 -35.32 15.84 -6.74
N THR A 104 -34.00 15.78 -6.75
CA THR A 104 -33.29 15.91 -5.49
C THR A 104 -33.48 17.31 -4.88
N ASN A 105 -33.86 18.31 -5.68
CA ASN A 105 -34.10 19.66 -5.13
C ASN A 105 -35.58 19.99 -4.87
N TYR A 106 -36.42 18.97 -4.97
CA TYR A 106 -37.85 19.14 -4.64
C TYR A 106 -38.17 19.95 -3.39
N GLN A 107 -37.69 19.53 -2.23
CA GLN A 107 -38.08 20.22 -1.00
CA GLN A 107 -38.08 20.21 -0.99
C GLN A 107 -37.49 21.62 -0.89
N VAL A 108 -36.40 21.86 -1.60
CA VAL A 108 -35.83 23.20 -1.63
C VAL A 108 -36.70 24.12 -2.48
N VAL A 109 -36.98 23.71 -3.71
CA VAL A 109 -37.76 24.57 -4.62
C VAL A 109 -39.20 24.79 -4.12
N CYS A 110 -39.82 23.72 -3.58
CA CYS A 110 -41.27 23.63 -3.40
C CYS A 110 -41.72 23.66 -1.96
N LYS A 111 -40.87 23.25 -1.03
CA LYS A 111 -41.23 23.24 0.37
C LYS A 111 -40.38 24.18 1.22
N GLY A 112 -39.73 25.15 0.59
CA GLY A 112 -38.93 26.17 1.31
C GLY A 112 -37.74 25.65 2.13
N GLU A 113 -37.26 24.43 1.84
CA GLU A 113 -36.10 23.88 2.57
C GLU A 113 -34.78 24.44 2.07
N SER A 114 -33.72 24.35 2.87
CA SER A 114 -32.37 24.71 2.40
C SER A 114 -31.65 23.52 1.76
N HIS A 115 -30.70 23.81 0.87
CA HIS A 115 -29.77 22.80 0.35
C HIS A 115 -28.95 22.28 1.50
N TRP A 116 -28.59 20.99 1.48
CA TRP A 116 -27.72 20.42 2.53
C TRP A 116 -26.47 21.27 2.76
N VAL A 117 -25.86 21.77 1.67
CA VAL A 117 -24.58 22.51 1.78
C VAL A 117 -24.70 23.81 2.54
N ASP A 118 -25.91 24.38 2.59
CA ASP A 118 -26.10 25.67 3.25
C ASP A 118 -26.41 25.55 4.75
N ASP A 119 -26.64 24.32 5.22
CA ASP A 119 -26.86 24.05 6.64
C ASP A 119 -25.50 23.99 7.35
N ASP A 120 -25.46 24.56 8.55
CA ASP A 120 -24.30 24.46 9.43
C ASP A 120 -24.02 22.99 9.72
N CYS A 121 -22.77 22.61 9.87
CA CYS A 121 -22.66 21.25 10.35
CA CYS A 121 -22.41 21.31 10.38
C CYS A 121 -22.85 21.10 11.83
N GLU A 122 -23.46 19.97 12.15
CA GLU A 122 -23.78 19.66 13.53
C GLU A 122 -23.28 18.26 13.69
N GLU A 123 -22.58 18.01 14.79
CA GLU A 123 -22.03 16.71 15.08
C GLU A 123 -23.12 15.65 15.01
N ILE A 124 -22.82 14.53 14.37
CA ILE A 124 -23.77 13.43 14.33
C ILE A 124 -23.31 12.42 15.38
N LYS A 125 -23.81 12.54 16.61
CA LYS A 125 -23.34 11.69 17.68
C LYS A 125 -23.92 10.28 17.62
N VAL A 126 -25.15 10.13 17.17
CA VAL A 126 -25.77 8.84 17.01
C VAL A 126 -26.43 8.77 15.63
N PRO A 127 -26.60 7.57 15.04
CA PRO A 127 -27.41 7.53 13.80
C PRO A 127 -28.82 8.02 14.07
N GLU A 128 -29.31 8.88 13.20
CA GLU A 128 -30.71 9.33 13.28
C GLU A 128 -31.38 8.79 12.04
N CYS A 129 -31.92 7.58 12.15
CA CYS A 129 -32.40 6.83 10.99
C CYS A 129 -33.93 6.63 11.07
N PRO A 130 -34.62 6.53 9.90
CA PRO A 130 -36.05 6.16 9.95
C PRO A 130 -36.31 4.81 10.62
N ALA A 131 -37.53 4.62 11.13
CA ALA A 131 -37.85 3.34 11.75
C ALA A 131 -37.68 2.23 10.70
N GLY A 132 -37.13 1.09 11.12
CA GLY A 132 -36.98 -0.04 10.20
C GLY A 132 -35.59 -0.13 9.59
N PHE A 133 -34.79 0.92 9.72
CA PHE A 133 -33.36 0.80 9.39
C PHE A 133 -32.61 0.02 10.48
N VAL A 134 -32.08 -1.17 10.12
CA VAL A 134 -31.30 -2.06 11.06
C VAL A 134 -29.88 -1.53 11.35
N ARG A 135 -29.36 -0.70 10.46
CA ARG A 135 -27.97 -0.23 10.52
C ARG A 135 -27.85 0.99 9.61
N PRO A 136 -26.93 1.91 9.91
CA PRO A 136 -26.67 3.02 8.99
C PRO A 136 -26.21 2.48 7.60
N PRO A 137 -26.87 2.89 6.52
CA PRO A 137 -26.35 2.47 5.19
C PRO A 137 -24.98 3.13 4.91
N LEU A 138 -24.21 2.48 4.02
CA LEU A 138 -22.92 2.97 3.60
C LEU A 138 -23.02 3.31 2.10
N ILE A 139 -22.66 4.56 1.77
CA ILE A 139 -22.61 5.00 0.36
C ILE A 139 -21.18 5.30 -0.01
N ILE A 140 -20.66 4.57 -1.00
CA ILE A 140 -19.27 4.84 -1.46
C ILE A 140 -19.32 5.67 -2.75
N PHE A 141 -18.80 6.90 -2.68
CA PHE A 141 -18.88 7.84 -3.80
C PHE A 141 -17.47 7.89 -4.35
N SER A 142 -17.20 7.19 -5.44
CA SER A 142 -15.84 7.13 -5.93
C SER A 142 -15.62 8.00 -7.17
N VAL A 143 -14.50 8.71 -7.15
CA VAL A 143 -14.17 9.64 -8.23
C VAL A 143 -12.86 9.22 -8.87
N ASP A 144 -12.91 9.00 -10.18
CA ASP A 144 -11.74 8.57 -10.96
C ASP A 144 -10.76 9.76 -11.17
N GLY A 145 -9.50 9.52 -10.87
CA GLY A 145 -8.48 10.54 -11.14
C GLY A 145 -8.50 11.76 -10.24
N PHE A 146 -9.15 11.67 -9.08
CA PHE A 146 -9.27 12.80 -8.19
C PHE A 146 -7.97 12.91 -7.35
N ARG A 147 -7.07 13.72 -7.85
CA ARG A 147 -5.80 13.98 -7.20
C ARG A 147 -5.95 14.64 -5.81
N ALA A 148 -5.13 14.23 -4.83
CA ALA A 148 -5.29 14.68 -3.47
C ALA A 148 -5.27 16.23 -3.39
N SER A 149 -4.41 16.88 -4.16
CA SER A 149 -4.33 18.32 -4.03
C SER A 149 -5.55 19.10 -4.53
N TYR A 150 -6.44 18.45 -5.27
CA TYR A 150 -7.69 19.12 -5.65
C TYR A 150 -8.50 19.55 -4.43
N MET A 151 -8.38 18.84 -3.30
CA MET A 151 -9.23 19.20 -2.12
C MET A 151 -8.92 20.63 -1.69
N LYS A 152 -7.64 21.01 -1.73
CA LYS A 152 -7.26 22.39 -1.41
C LYS A 152 -7.37 23.33 -2.62
N LYS A 153 -6.80 22.91 -3.76
CA LYS A 153 -6.73 23.75 -4.94
C LYS A 153 -8.11 24.02 -5.61
N GLY A 154 -9.05 23.11 -5.47
CA GLY A 154 -10.38 23.33 -6.06
C GLY A 154 -11.44 23.67 -5.03
N SER A 155 -11.02 23.94 -3.78
CA SER A 155 -11.98 24.13 -2.68
C SER A 155 -13.03 25.20 -2.91
N LYS A 156 -12.68 26.25 -3.67
CA LYS A 156 -13.62 27.36 -3.92
C LYS A 156 -14.74 26.92 -4.83
N VAL A 157 -14.53 25.89 -5.62
CA VAL A 157 -15.58 25.50 -6.53
C VAL A 157 -16.29 24.18 -6.12
N MET A 158 -15.94 23.66 -4.94
CA MET A 158 -16.52 22.37 -4.48
C MET A 158 -17.13 22.47 -3.08
N PRO A 159 -18.19 23.28 -2.93
CA PRO A 159 -18.63 23.54 -1.57
C PRO A 159 -19.27 22.32 -0.87
N ASN A 160 -19.95 21.43 -1.60
CA ASN A 160 -20.50 20.22 -0.98
C ASN A 160 -19.39 19.30 -0.49
N ILE A 161 -18.41 19.06 -1.36
CA ILE A 161 -17.26 18.21 -0.99
C ILE A 161 -16.47 18.84 0.17
N GLU A 162 -16.29 20.17 0.13
CA GLU A 162 -15.56 20.86 1.19
C GLU A 162 -16.27 20.70 2.53
N LYS A 163 -17.60 20.69 2.50
CA LYS A 163 -18.38 20.50 3.75
C LYS A 163 -18.24 19.07 4.28
N LEU A 164 -18.31 18.08 3.42
CA LEU A 164 -18.04 16.69 3.82
C LEU A 164 -16.68 16.59 4.46
N ARG A 165 -15.72 17.20 3.78
CA ARG A 165 -14.33 17.17 4.22
CA ARG A 165 -14.33 17.17 4.22
C ARG A 165 -14.12 17.82 5.60
N SER A 166 -14.60 19.07 5.76
CA SER A 166 -14.32 19.80 6.97
C SER A 166 -15.17 19.27 8.13
N CYS A 167 -16.38 18.80 7.84
CA CYS A 167 -17.23 18.36 8.92
CA CYS A 167 -17.33 18.31 8.84
C CYS A 167 -17.04 16.91 9.34
N GLY A 168 -16.50 16.08 8.44
CA GLY A 168 -16.38 14.64 8.69
C GLY A 168 -14.96 14.33 9.11
N THR A 169 -14.52 13.13 8.75
CA THR A 169 -13.15 12.69 8.96
C THR A 169 -12.41 12.75 7.61
N HIS A 170 -11.23 13.34 7.58
CA HIS A 170 -10.53 13.34 6.28
C HIS A 170 -9.04 13.09 6.46
N ALA A 171 -8.42 12.55 5.41
CA ALA A 171 -6.96 12.48 5.37
C ALA A 171 -6.42 13.53 4.38
N PRO A 172 -5.19 14.04 4.62
CA PRO A 172 -4.58 14.97 3.64
C PRO A 172 -4.44 14.30 2.28
N TYR A 173 -4.21 12.99 2.27
CA TYR A 173 -4.28 12.17 1.03
C TYR A 173 -4.37 10.70 1.40
N MET A 174 -4.74 9.88 0.42
CA MET A 174 -4.76 8.44 0.59
C MET A 174 -3.82 7.86 -0.47
N ARG A 175 -2.96 6.91 -0.09
CA ARG A 175 -2.00 6.33 -1.02
C ARG A 175 -2.69 5.22 -1.83
N PRO A 176 -2.63 5.31 -3.17
CA PRO A 176 -3.21 4.22 -3.97
C PRO A 176 -2.24 3.04 -3.98
N VAL A 177 -2.59 1.95 -4.67
CA VAL A 177 -1.64 0.84 -4.88
C VAL A 177 -0.97 1.00 -6.27
N TYR A 178 0.14 0.30 -6.47
CA TYR A 178 0.79 0.28 -7.75
C TYR A 178 0.31 -0.91 -8.58
N PRO A 179 0.09 -0.74 -9.91
CA PRO A 179 0.21 0.51 -10.65
C PRO A 179 -0.99 1.40 -10.37
N THR A 180 -0.75 2.71 -10.38
CA THR A 180 -1.78 3.67 -10.02
C THR A 180 -2.75 3.88 -11.22
N LYS A 181 -3.44 2.80 -11.58
CA LYS A 181 -4.43 2.76 -12.64
C LYS A 181 -5.81 2.43 -12.00
N THR A 182 -6.87 2.56 -12.79
CA THR A 182 -8.23 2.44 -12.29
C THR A 182 -8.61 1.07 -11.79
N PHE A 183 -8.47 0.08 -12.67
CA PHE A 183 -8.92 -1.26 -12.33
C PHE A 183 -8.19 -1.86 -11.12
N PRO A 184 -6.82 -1.78 -11.09
CA PRO A 184 -6.16 -2.30 -9.89
C PRO A 184 -6.61 -1.61 -8.63
N ASN A 185 -6.78 -0.28 -8.68
CA ASN A 185 -7.14 0.44 -7.47
C ASN A 185 -8.59 0.26 -7.02
N LEU A 186 -9.52 0.24 -7.94
CA LEU A 186 -10.90 0.03 -7.47
C LEU A 186 -11.09 -1.37 -6.93
N TYR A 187 -10.45 -2.37 -7.52
CA TYR A 187 -10.60 -3.70 -6.99
C TYR A 187 -9.82 -3.87 -5.68
N THR A 188 -8.71 -3.15 -5.53
CA THR A 188 -8.03 -3.06 -4.22
C THR A 188 -8.97 -2.42 -3.15
N LEU A 189 -9.66 -1.35 -3.51
CA LEU A 189 -10.64 -0.74 -2.59
C LEU A 189 -11.67 -1.79 -2.18
N ALA A 190 -12.12 -2.57 -3.15
CA ALA A 190 -13.19 -3.53 -2.93
C ALA A 190 -12.79 -4.74 -2.09
N THR A 191 -11.51 -5.11 -2.10
CA THR A 191 -11.05 -6.40 -1.56
C THR A 191 -10.06 -6.33 -0.40
N GLY A 192 -9.44 -5.17 -0.23
CA GLY A 192 -8.36 -4.99 0.71
C GLY A 192 -7.08 -5.69 0.25
N LEU A 193 -7.00 -6.12 -1.02
CA LEU A 193 -5.85 -6.95 -1.43
C LEU A 193 -4.90 -6.17 -2.32
N TYR A 194 -3.59 -6.44 -2.22
CA TYR A 194 -2.68 -6.02 -3.29
C TYR A 194 -3.09 -6.60 -4.67
N PRO A 195 -2.88 -5.85 -5.76
CA PRO A 195 -3.11 -6.38 -7.10
C PRO A 195 -2.46 -7.74 -7.37
N GLU A 196 -1.25 -7.97 -6.88
CA GLU A 196 -0.64 -9.30 -7.08
C GLU A 196 -1.49 -10.42 -6.48
N SER A 197 -2.36 -10.13 -5.49
CA SER A 197 -3.14 -11.15 -4.85
C SER A 197 -4.54 -11.21 -5.45
N HIS A 198 -5.16 -10.04 -5.69
CA HIS A 198 -6.49 -10.02 -6.29
C HIS A 198 -6.50 -10.35 -7.80
N GLY A 199 -5.35 -10.18 -8.44
CA GLY A 199 -5.18 -10.64 -9.86
C GLY A 199 -5.36 -9.55 -10.92
N ILE A 200 -5.91 -8.39 -10.54
CA ILE A 200 -6.04 -7.31 -11.48
C ILE A 200 -4.80 -6.42 -11.42
N VAL A 201 -3.74 -6.83 -12.13
CA VAL A 201 -2.38 -6.28 -11.94
C VAL A 201 -2.10 -5.13 -12.90
N GLY A 202 -3.02 -4.87 -13.82
CA GLY A 202 -3.00 -3.65 -14.62
C GLY A 202 -4.35 -3.41 -15.29
N ASN A 203 -4.43 -2.35 -16.09
CA ASN A 203 -5.63 -2.13 -16.92
C ASN A 203 -5.60 -3.11 -18.11
N SER A 204 -4.41 -3.61 -18.46
CA SER A 204 -4.25 -4.58 -19.54
C SER A 204 -3.38 -5.77 -19.04
N MET A 205 -3.76 -7.02 -19.39
CA MET A 205 -3.07 -8.22 -18.86
C MET A 205 -3.09 -9.42 -19.78
N TYR A 206 -1.99 -10.17 -19.77
CA TYR A 206 -1.98 -11.48 -20.43
C TYR A 206 -1.81 -12.51 -19.37
N ASP A 207 -2.69 -13.49 -19.32
CA ASP A 207 -2.50 -14.60 -18.38
C ASP A 207 -2.05 -15.85 -19.18
N PRO A 208 -0.80 -16.26 -18.98
CA PRO A 208 -0.23 -17.38 -19.76
C PRO A 208 -0.86 -18.74 -19.50
N VAL A 209 -1.48 -18.96 -18.32
CA VAL A 209 -2.16 -20.23 -18.01
C VAL A 209 -3.49 -20.35 -18.77
N PHE A 210 -4.25 -19.25 -18.75
CA PHE A 210 -5.50 -19.17 -19.48
C PHE A 210 -5.17 -19.07 -20.96
N ASP A 211 -3.97 -18.57 -21.30
CA ASP A 211 -3.68 -18.03 -22.62
C ASP A 211 -4.80 -17.07 -23.04
N ALA A 212 -5.00 -16.02 -22.25
CA ALA A 212 -6.06 -15.06 -22.61
C ALA A 212 -5.63 -13.71 -22.12
N SER A 213 -6.17 -12.68 -22.77
CA SER A 213 -5.87 -11.29 -22.46
C SER A 213 -7.06 -10.55 -21.88
N PHE A 214 -6.75 -9.65 -20.96
CA PHE A 214 -7.74 -8.80 -20.32
C PHE A 214 -7.49 -7.41 -20.87
N HIS A 215 -8.55 -6.72 -21.27
CA HIS A 215 -8.40 -5.33 -21.78
C HIS A 215 -9.54 -4.45 -21.28
N LEU A 216 -9.33 -3.13 -21.24
CA LEU A 216 -10.36 -2.18 -20.80
C LEU A 216 -11.61 -2.25 -21.68
N ARG A 217 -11.40 -2.27 -22.99
CA ARG A 217 -12.48 -2.48 -23.96
C ARG A 217 -12.60 -3.97 -24.21
N GLY A 218 -13.84 -4.46 -24.29
CA GLY A 218 -14.07 -5.81 -24.72
C GLY A 218 -14.72 -6.68 -23.68
N ARG A 219 -14.96 -7.93 -24.07
CA ARG A 219 -15.77 -8.84 -23.28
C ARG A 219 -14.99 -9.68 -22.23
N GLU A 220 -13.70 -9.97 -22.50
CA GLU A 220 -12.89 -10.87 -21.64
C GLU A 220 -12.90 -10.44 -20.14
N LYS A 221 -12.84 -9.13 -19.89
CA LYS A 221 -12.85 -8.58 -18.54
C LYS A 221 -14.10 -8.97 -17.69
N PHE A 222 -15.19 -9.43 -18.33
CA PHE A 222 -16.39 -9.81 -17.59
C PHE A 222 -16.30 -11.25 -17.06
N ASN A 223 -15.30 -12.00 -17.56
CA ASN A 223 -15.12 -13.39 -17.12
C ASN A 223 -14.59 -13.37 -15.69
N HIS A 224 -15.25 -14.09 -14.79
CA HIS A 224 -14.96 -14.08 -13.37
C HIS A 224 -13.60 -14.71 -12.98
N ARG A 225 -12.99 -15.46 -13.90
CA ARG A 225 -11.66 -16.05 -13.62
C ARG A 225 -10.53 -15.01 -13.43
N TRP A 226 -10.74 -13.78 -13.88
CA TRP A 226 -9.73 -12.75 -13.65
C TRP A 226 -9.71 -12.24 -12.22
N TRP A 227 -10.85 -12.31 -11.56
CA TRP A 227 -11.10 -11.53 -10.38
C TRP A 227 -10.97 -12.38 -9.14
N GLY A 228 -9.89 -12.21 -8.39
CA GLY A 228 -9.65 -13.03 -7.19
C GLY A 228 -10.09 -12.35 -5.91
N GLY A 229 -9.80 -12.99 -4.80
CA GLY A 229 -10.23 -12.46 -3.49
C GLY A 229 -11.74 -12.36 -3.35
N GLN A 230 -12.20 -11.52 -2.45
CA GLN A 230 -13.62 -11.41 -2.19
C GLN A 230 -14.03 -9.95 -2.04
N PRO A 231 -14.68 -9.38 -3.06
CA PRO A 231 -15.06 -7.95 -2.93
C PRO A 231 -16.22 -7.69 -1.96
N LEU A 232 -16.33 -6.44 -1.52
CA LEU A 232 -17.23 -6.04 -0.45
C LEU A 232 -18.66 -6.44 -0.73
N TRP A 233 -19.10 -6.33 -1.99
CA TRP A 233 -20.51 -6.67 -2.27
C TRP A 233 -20.79 -8.16 -2.05
N ILE A 234 -19.79 -9.02 -2.30
CA ILE A 234 -19.89 -10.48 -2.10
C ILE A 234 -19.78 -10.75 -0.59
N THR A 235 -18.83 -10.06 0.07
CA THR A 235 -18.71 -10.18 1.52
C THR A 235 -20.03 -9.87 2.24
N ALA A 236 -20.66 -8.77 1.88
CA ALA A 236 -21.92 -8.36 2.49
C ALA A 236 -23.01 -9.44 2.21
N THR A 237 -23.18 -9.82 0.96
CA THR A 237 -24.24 -10.76 0.56
C THR A 237 -24.11 -12.07 1.33
N LYS A 238 -22.89 -12.64 1.36
CA LYS A 238 -22.63 -13.88 2.11
C LYS A 238 -23.02 -13.78 3.57
N GLN A 239 -22.93 -12.59 4.16
CA GLN A 239 -23.23 -12.43 5.56
C GLN A 239 -24.58 -11.79 5.77
N GLY A 240 -25.44 -11.80 4.77
CA GLY A 240 -26.83 -11.37 4.98
C GLY A 240 -27.05 -9.86 4.98
N VAL A 241 -26.08 -9.12 4.45
CA VAL A 241 -26.25 -7.68 4.26
C VAL A 241 -26.45 -7.44 2.77
N ARG A 242 -27.56 -6.81 2.40
CA ARG A 242 -27.92 -6.62 1.00
C ARG A 242 -27.11 -5.49 0.35
N ALA A 243 -26.68 -5.71 -0.87
CA ALA A 243 -25.85 -4.73 -1.55
C ALA A 243 -26.55 -4.22 -2.83
N GLY A 244 -26.52 -2.88 -3.04
CA GLY A 244 -26.83 -2.26 -4.34
C GLY A 244 -25.82 -2.82 -5.35
N THR A 245 -26.13 -2.83 -6.64
CA THR A 245 -25.11 -3.28 -7.61
C THR A 245 -24.11 -2.12 -7.78
N PHE A 246 -22.80 -2.41 -7.74
CA PHE A 246 -21.74 -1.34 -7.67
C PHE A 246 -21.37 -0.76 -9.06
N PHE A 247 -21.81 -1.42 -10.11
CA PHE A 247 -21.39 -1.10 -11.46
C PHE A 247 -22.49 -0.42 -12.22
N TRP A 248 -22.13 0.57 -13.04
CA TRP A 248 -23.12 1.30 -13.84
C TRP A 248 -22.65 1.31 -15.28
N SER A 249 -23.46 0.86 -16.23
CA SER A 249 -23.12 1.03 -17.65
C SER A 249 -22.84 2.52 -17.92
N VAL A 250 -21.82 2.77 -18.75
CA VAL A 250 -21.25 4.11 -18.97
C VAL A 250 -22.27 5.16 -19.46
N SER A 251 -23.25 4.73 -20.27
CA SER A 251 -24.21 5.68 -20.84
C SER A 251 -25.30 6.13 -19.85
N ILE A 252 -25.36 5.52 -18.66
CA ILE A 252 -26.35 5.97 -17.66
C ILE A 252 -25.80 7.24 -17.02
N PRO A 253 -26.53 8.38 -17.16
CA PRO A 253 -25.96 9.61 -16.62
C PRO A 253 -25.87 9.64 -15.09
N HIS A 254 -24.96 10.46 -14.57
CA HIS A 254 -24.79 10.60 -13.12
C HIS A 254 -26.05 10.91 -12.37
N GLU A 255 -26.88 11.78 -12.95
CA GLU A 255 -28.11 12.16 -12.29
C GLU A 255 -29.04 10.95 -12.11
N ARG A 256 -29.07 10.08 -13.11
CA ARG A 256 -29.90 8.86 -13.03
C ARG A 256 -29.33 7.86 -12.00
N ARG A 257 -28.00 7.74 -11.91
CA ARG A 257 -27.39 6.88 -10.89
C ARG A 257 -27.79 7.34 -9.49
N ILE A 258 -27.71 8.65 -9.21
CA ILE A 258 -28.03 9.18 -7.91
C ILE A 258 -29.52 8.90 -7.62
N LEU A 259 -30.40 9.20 -8.57
CA LEU A 259 -31.82 8.98 -8.35
C LEU A 259 -32.11 7.50 -8.10
N THR A 260 -31.42 6.61 -8.81
CA THR A 260 -31.59 5.18 -8.62
C THR A 260 -31.18 4.78 -7.18
N ILE A 261 -30.03 5.26 -6.71
CA ILE A 261 -29.66 5.03 -5.30
C ILE A 261 -30.71 5.51 -4.32
N LEU A 262 -31.23 6.71 -4.54
CA LEU A 262 -32.21 7.28 -3.64
C LEU A 262 -33.52 6.50 -3.69
N GLN A 263 -33.85 6.00 -4.88
CA GLN A 263 -35.04 5.15 -5.02
C GLN A 263 -34.87 3.82 -4.27
N TRP A 264 -33.68 3.21 -4.39
CA TRP A 264 -33.38 1.96 -3.66
C TRP A 264 -33.50 2.17 -2.17
N LEU A 265 -33.09 3.35 -1.70
CA LEU A 265 -33.15 3.64 -0.26
C LEU A 265 -34.58 3.81 0.22
N SER A 266 -35.52 3.84 -0.71
CA SER A 266 -36.93 3.91 -0.33
C SER A 266 -37.62 2.55 -0.38
N LEU A 267 -36.89 1.49 -0.73
CA LEU A 267 -37.49 0.17 -0.80
C LEU A 267 -37.94 -0.25 0.61
N PRO A 268 -38.90 -1.21 0.69
CA PRO A 268 -39.23 -1.81 2.01
C PRO A 268 -37.98 -2.43 2.65
N ASP A 269 -38.01 -2.47 3.99
CA ASP A 269 -36.90 -2.91 4.81
C ASP A 269 -36.29 -4.24 4.38
N ASN A 270 -37.14 -5.22 4.09
CA ASN A 270 -36.67 -6.52 3.64
C ASN A 270 -35.98 -6.49 2.25
N GLU A 271 -36.17 -5.43 1.48
CA GLU A 271 -35.63 -5.42 0.12
C GLU A 271 -34.49 -4.41 -0.08
N ARG A 272 -34.35 -3.51 0.88
CA ARG A 272 -33.48 -2.37 0.75
C ARG A 272 -32.01 -2.71 1.00
N PRO A 273 -31.11 -2.39 0.05
CA PRO A 273 -29.69 -2.59 0.34
C PRO A 273 -29.16 -1.75 1.49
N SER A 274 -28.08 -2.24 2.09
CA SER A 274 -27.39 -1.49 3.12
C SER A 274 -26.11 -0.83 2.59
N VAL A 275 -25.67 -1.22 1.41
CA VAL A 275 -24.44 -0.63 0.89
C VAL A 275 -24.64 -0.33 -0.57
N TYR A 276 -24.08 0.81 -0.99
CA TYR A 276 -24.25 1.36 -2.34
C TYR A 276 -22.95 1.93 -2.84
N ALA A 277 -22.78 1.93 -4.16
CA ALA A 277 -21.60 2.64 -4.72
C ALA A 277 -22.00 3.54 -5.88
N PHE A 278 -21.33 4.68 -5.99
CA PHE A 278 -21.48 5.55 -7.11
C PHE A 278 -20.08 5.70 -7.70
N TYR A 279 -19.97 5.78 -9.00
CA TYR A 279 -18.70 5.97 -9.64
C TYR A 279 -18.80 7.07 -10.67
N SER A 280 -17.82 7.97 -10.64
CA SER A 280 -17.71 9.00 -11.64
C SER A 280 -16.42 8.84 -12.45
N GLU A 281 -16.54 8.86 -13.78
CA GLU A 281 -15.36 8.80 -14.65
C GLU A 281 -14.54 10.11 -14.66
N GLN A 282 -15.13 11.16 -14.09
CA GLN A 282 -14.50 12.46 -13.86
C GLN A 282 -13.94 12.57 -12.43
N PRO A 283 -12.88 13.36 -12.25
CA PRO A 283 -12.19 14.23 -13.22
C PRO A 283 -11.16 13.58 -14.17
N ASP A 284 -10.96 12.26 -14.06
CA ASP A 284 -9.94 11.56 -14.83
C ASP A 284 -10.09 11.81 -16.33
N PHE A 285 -11.32 11.69 -16.81
CA PHE A 285 -11.54 11.82 -18.27
C PHE A 285 -10.97 13.15 -18.81
N SER A 286 -11.34 14.24 -18.17
CA SER A 286 -10.83 15.53 -18.52
C SER A 286 -9.34 15.69 -18.22
N GLY A 287 -8.88 15.19 -17.06
CA GLY A 287 -7.44 15.26 -16.71
C GLY A 287 -6.52 14.67 -17.77
N HIS A 288 -6.92 13.56 -18.40
CA HIS A 288 -6.11 13.03 -19.48
C HIS A 288 -5.96 14.05 -20.62
N LYS A 289 -7.04 14.77 -20.97
CA LYS A 289 -7.03 15.69 -22.12
C LYS A 289 -6.31 16.99 -21.76
N TYR A 290 -6.45 17.46 -20.53
CA TYR A 290 -6.04 18.83 -20.22
C TYR A 290 -4.96 18.92 -19.19
N GLY A 291 -4.52 17.77 -18.68
CA GLY A 291 -3.53 17.77 -17.56
C GLY A 291 -4.19 18.03 -16.21
N PRO A 292 -3.48 17.70 -15.10
CA PRO A 292 -4.18 17.74 -13.82
C PRO A 292 -4.73 19.12 -13.42
N PHE A 293 -4.06 20.21 -13.83
CA PHE A 293 -4.50 21.59 -13.47
C PHE A 293 -4.86 22.50 -14.66
N GLY A 294 -5.13 21.89 -15.80
CA GLY A 294 -5.59 22.60 -16.98
C GLY A 294 -6.78 23.47 -16.60
N PRO A 295 -6.89 24.69 -17.18
CA PRO A 295 -8.04 25.58 -16.87
C PRO A 295 -9.39 24.93 -17.19
N GLU A 296 -9.39 23.98 -18.13
CA GLU A 296 -10.57 23.13 -18.40
C GLU A 296 -11.00 22.20 -17.21
N MET A 297 -10.19 22.12 -16.16
CA MET A 297 -10.46 21.15 -15.06
C MET A 297 -11.46 21.71 -14.03
N THR A 298 -11.67 23.02 -14.03
CA THR A 298 -12.56 23.62 -13.06
C THR A 298 -13.98 23.09 -13.25
N ASN A 299 -14.45 23.11 -14.49
CA ASN A 299 -15.80 22.68 -14.75
C ASN A 299 -16.14 21.24 -14.32
N PRO A 300 -15.26 20.26 -14.65
CA PRO A 300 -15.47 18.90 -14.16
C PRO A 300 -15.53 18.82 -12.63
N LEU A 301 -14.73 19.62 -11.91
CA LEU A 301 -14.76 19.64 -10.45
C LEU A 301 -16.07 20.20 -9.93
N ARG A 302 -16.59 21.24 -10.58
CA ARG A 302 -17.87 21.84 -10.21
C ARG A 302 -18.97 20.81 -10.43
N GLU A 303 -18.87 20.07 -11.52
CA GLU A 303 -19.95 19.15 -11.88
C GLU A 303 -19.95 17.99 -10.86
N ILE A 304 -18.77 17.49 -10.47
CA ILE A 304 -18.72 16.47 -9.44
C ILE A 304 -19.34 17.01 -8.14
N ASP A 305 -18.99 18.24 -7.76
CA ASP A 305 -19.54 18.78 -6.54
C ASP A 305 -21.06 18.86 -6.59
N LYS A 306 -21.58 19.14 -7.79
CA LYS A 306 -23.01 19.29 -7.94
C LYS A 306 -23.69 17.94 -7.71
N THR A 307 -23.08 16.87 -8.23
CA THR A 307 -23.54 15.51 -8.03
C THR A 307 -23.58 15.14 -6.53
N VAL A 308 -22.52 15.47 -5.78
CA VAL A 308 -22.50 15.26 -4.33
C VAL A 308 -23.66 16.02 -3.69
N GLY A 309 -23.86 17.28 -4.11
CA GLY A 309 -24.99 18.11 -3.63
C GLY A 309 -26.34 17.44 -3.87
N GLN A 310 -26.53 16.87 -5.05
CA GLN A 310 -27.78 16.16 -5.39
C GLN A 310 -28.00 14.97 -4.44
N LEU A 311 -26.95 14.19 -4.22
CA LEU A 311 -27.02 13.09 -3.28
C LEU A 311 -27.39 13.53 -1.87
N MET A 312 -26.69 14.54 -1.36
CA MET A 312 -26.92 15.00 -0.01
C MET A 312 -28.29 15.68 0.15
N ASP A 313 -28.70 16.48 -0.82
CA ASP A 313 -30.08 17.01 -0.81
C ASP A 313 -31.09 15.86 -0.84
N GLY A 314 -30.78 14.86 -1.62
CA GLY A 314 -31.68 13.70 -1.75
C GLY A 314 -31.78 12.92 -0.44
N LEU A 315 -30.62 12.68 0.21
CA LEU A 315 -30.63 12.04 1.54
C LEU A 315 -31.38 12.89 2.55
N LYS A 316 -31.13 14.21 2.55
CA LYS A 316 -31.82 15.09 3.48
C LYS A 316 -33.36 14.97 3.34
N GLN A 317 -33.86 14.98 2.10
CA GLN A 317 -35.27 14.75 1.77
C GLN A 317 -35.83 13.47 2.37
N LEU A 318 -35.04 12.40 2.34
CA LEU A 318 -35.46 11.13 2.87
C LEU A 318 -35.18 11.03 4.38
N ARG A 319 -34.76 12.12 5.02
CA ARG A 319 -34.38 12.11 6.46
C ARG A 319 -33.25 11.09 6.71
N LEU A 320 -32.29 11.01 5.78
CA LEU A 320 -31.18 10.05 5.84
C LEU A 320 -29.82 10.71 5.98
N HIS A 321 -29.78 12.04 5.98
CA HIS A 321 -28.53 12.77 5.96
C HIS A 321 -27.75 12.70 7.28
N ARG A 322 -28.41 12.25 8.35
CA ARG A 322 -27.71 12.04 9.62
C ARG A 322 -27.80 10.55 10.00
N CYS A 323 -27.92 9.70 8.98
CA CYS A 323 -28.13 8.28 9.13
C CYS A 323 -27.05 7.50 8.34
N VAL A 324 -26.84 7.92 7.10
CA VAL A 324 -25.93 7.27 6.17
C VAL A 324 -24.44 7.63 6.43
N ASN A 325 -23.56 6.65 6.31
CA ASN A 325 -22.14 6.96 6.30
C ASN A 325 -21.75 7.12 4.81
N VAL A 326 -21.10 8.23 4.50
CA VAL A 326 -20.72 8.50 3.10
C VAL A 326 -19.21 8.42 3.03
N ILE A 327 -18.69 7.69 2.06
CA ILE A 327 -17.24 7.71 1.84
C ILE A 327 -17.01 8.38 0.49
N PHE A 328 -16.13 9.35 0.47
CA PHE A 328 -15.79 10.05 -0.78
C PHE A 328 -14.34 9.66 -1.01
N VAL A 329 -14.06 8.90 -2.07
CA VAL A 329 -12.76 8.31 -2.19
C VAL A 329 -12.34 8.31 -3.65
N GLY A 330 -11.04 8.49 -3.92
CA GLY A 330 -10.57 8.46 -5.31
C GLY A 330 -9.77 7.19 -5.54
N ASP A 331 -9.49 6.87 -6.80
CA ASP A 331 -8.69 5.68 -7.06
C ASP A 331 -7.19 5.98 -7.26
N HIS A 332 -6.86 7.18 -7.75
CA HIS A 332 -5.46 7.60 -8.08
C HIS A 332 -5.53 9.07 -8.49
N GLY A 333 -4.37 9.73 -8.55
CA GLY A 333 -4.29 11.12 -9.00
C GLY A 333 -4.06 11.18 -10.52
N MET A 334 -3.30 12.21 -10.91
CA MET A 334 -3.08 12.56 -12.32
C MET A 334 -1.83 13.44 -12.38
N GLU A 335 -0.95 13.11 -13.33
CA GLU A 335 0.29 13.84 -13.52
C GLU A 335 0.27 14.45 -14.94
N ASP A 336 1.08 15.50 -15.12
CA ASP A 336 1.38 16.08 -16.48
C ASP A 336 2.28 15.18 -17.24
N VAL A 337 1.78 14.74 -18.39
CA VAL A 337 2.47 13.80 -19.28
C VAL A 337 2.04 14.18 -20.69
N THR A 338 3.02 14.35 -21.57
CA THR A 338 2.74 14.65 -23.00
C THR A 338 3.51 13.69 -23.90
N CYS A 339 3.07 13.58 -25.16
CA CYS A 339 3.66 12.68 -26.20
C CYS A 339 5.15 12.89 -26.38
N ASP A 340 5.63 14.13 -26.24
CA ASP A 340 7.05 14.38 -26.42
C ASP A 340 7.92 13.79 -25.31
N ARG A 341 7.30 13.43 -24.17
CA ARG A 341 8.09 12.86 -23.07
C ARG A 341 7.87 11.35 -23.07
N THR A 342 8.34 10.73 -24.14
CA THR A 342 8.21 9.30 -24.36
C THR A 342 9.62 8.81 -24.67
N GLU A 343 10.04 7.77 -23.98
CA GLU A 343 11.25 7.02 -24.27
C GLU A 343 10.86 5.87 -25.16
N PHE A 344 11.72 5.55 -26.14
CA PHE A 344 11.44 4.45 -27.02
C PHE A 344 12.41 3.31 -26.92
N LEU A 345 11.87 2.10 -26.69
CA LEU A 345 12.73 0.92 -26.54
C LEU A 345 13.58 0.69 -27.81
N SER A 346 13.07 1.14 -28.95
CA SER A 346 13.82 1.04 -30.22
C SER A 346 15.11 1.86 -30.20
N ASN A 347 15.24 2.80 -29.26
CA ASN A 347 16.51 3.50 -29.08
C ASN A 347 17.54 2.78 -28.22
N TYR A 348 17.16 1.61 -27.68
CA TYR A 348 18.02 0.84 -26.77
C TYR A 348 18.26 -0.57 -27.29
N LEU A 349 17.22 -1.19 -27.84
CA LEU A 349 17.27 -2.59 -28.20
C LEU A 349 17.46 -2.73 -29.70
N THR A 350 18.31 -3.67 -30.12
CA THR A 350 18.40 -3.99 -31.55
C THR A 350 17.21 -4.86 -31.97
N ASN A 351 16.87 -5.84 -31.14
CA ASN A 351 15.79 -6.84 -31.35
C ASN A 351 14.36 -6.42 -31.00
N VAL A 352 14.03 -5.13 -31.09
CA VAL A 352 12.71 -4.65 -30.61
C VAL A 352 11.48 -5.46 -31.07
N ASP A 353 11.54 -6.07 -32.25
CA ASP A 353 10.39 -6.85 -32.77
C ASP A 353 10.18 -8.21 -32.16
N ASP A 354 11.13 -8.65 -31.34
CA ASP A 354 11.01 -9.91 -30.63
C ASP A 354 10.39 -9.75 -29.24
N ILE A 355 10.00 -8.52 -28.87
CA ILE A 355 9.35 -8.29 -27.58
C ILE A 355 7.95 -7.75 -27.73
N THR A 356 7.13 -8.04 -26.72
CA THR A 356 5.81 -7.43 -26.50
C THR A 356 6.02 -6.49 -25.30
N LEU A 357 5.56 -5.26 -25.43
CA LEU A 357 5.62 -4.33 -24.31
C LEU A 357 4.20 -3.93 -23.93
N VAL A 358 3.88 -3.97 -22.63
CA VAL A 358 2.73 -3.21 -22.11
C VAL A 358 3.32 -1.84 -21.81
N PRO A 359 2.85 -0.78 -22.53
CA PRO A 359 3.50 0.52 -22.55
C PRO A 359 2.88 1.56 -21.65
N GLY A 360 3.50 2.75 -21.58
CA GLY A 360 2.87 3.91 -21.00
C GLY A 360 3.56 4.32 -19.74
N THR A 361 2.81 4.41 -18.64
CA THR A 361 3.40 4.93 -17.39
C THR A 361 4.08 3.85 -16.58
N LEU A 362 4.08 2.64 -17.12
CA LEU A 362 4.92 1.55 -16.62
C LEU A 362 5.23 0.74 -17.84
N GLY A 363 6.22 -0.14 -17.74
CA GLY A 363 6.48 -1.06 -18.82
C GLY A 363 6.51 -2.46 -18.30
N ARG A 364 5.93 -3.39 -19.08
CA ARG A 364 6.07 -4.80 -18.82
C ARG A 364 6.43 -5.49 -20.11
N ILE A 365 7.53 -6.21 -20.10
CA ILE A 365 8.10 -6.82 -21.32
C ILE A 365 8.09 -8.34 -21.21
N ARG A 366 7.62 -9.01 -22.26
CA ARG A 366 7.83 -10.45 -22.37
C ARG A 366 8.15 -10.77 -23.84
N ALA A 367 8.50 -12.04 -24.11
CA ALA A 367 8.85 -12.46 -25.48
C ALA A 367 7.61 -12.34 -26.33
N LYS A 368 7.74 -11.82 -27.55
CA LYS A 368 6.65 -11.87 -28.54
C LYS A 368 6.24 -13.32 -28.86
N SER A 369 7.22 -14.22 -28.90
CA SER A 369 6.95 -15.61 -29.23
C SER A 369 7.67 -16.57 -28.26
N ILE A 370 6.91 -17.50 -27.67
CA ILE A 370 7.51 -18.49 -26.74
C ILE A 370 8.31 -19.59 -27.48
N ASN A 371 8.18 -19.63 -28.80
CA ASN A 371 9.00 -20.48 -29.67
C ASN A 371 10.37 -19.91 -30.02
N ASN A 372 10.61 -18.66 -29.66
CA ASN A 372 11.90 -18.02 -29.91
C ASN A 372 12.88 -18.22 -28.75
N SER A 373 13.68 -19.28 -28.84
CA SER A 373 14.61 -19.63 -27.75
C SER A 373 15.89 -18.78 -27.79
N LYS A 374 15.92 -17.79 -28.68
CA LYS A 374 17.01 -16.82 -28.70
C LYS A 374 16.66 -15.56 -27.91
N TYR A 375 15.38 -15.38 -27.57
CA TYR A 375 14.98 -14.36 -26.58
C TYR A 375 15.71 -14.63 -25.28
N ASP A 376 16.19 -13.56 -24.65
CA ASP A 376 16.95 -13.66 -23.39
C ASP A 376 16.79 -12.38 -22.52
N PRO A 377 16.08 -12.53 -21.39
CA PRO A 377 15.81 -11.40 -20.50
C PRO A 377 17.06 -10.73 -19.92
N LYS A 378 18.14 -11.48 -19.70
CA LYS A 378 19.35 -10.92 -19.13
C LYS A 378 19.95 -9.85 -20.04
N THR A 379 19.98 -10.12 -21.35
CA THR A 379 20.54 -9.12 -22.27
C THR A 379 19.57 -7.97 -22.55
N ILE A 380 18.27 -8.21 -22.41
CA ILE A 380 17.33 -7.09 -22.52
C ILE A 380 17.51 -6.13 -21.36
N ILE A 381 17.55 -6.65 -20.12
CA ILE A 381 17.78 -5.78 -18.97
C ILE A 381 19.07 -4.99 -19.13
N ALA A 382 20.15 -5.66 -19.53
CA ALA A 382 21.45 -4.98 -19.65
C ALA A 382 21.42 -3.85 -20.70
N ALA A 383 20.77 -4.11 -21.84
CA ALA A 383 20.61 -3.09 -22.90
C ALA A 383 19.75 -1.88 -22.43
N LEU A 384 18.98 -2.08 -21.36
CA LEU A 384 18.07 -1.03 -20.84
C LEU A 384 18.62 -0.35 -19.59
N THR A 385 19.79 -0.77 -19.12
CA THR A 385 20.33 -0.29 -17.85
C THR A 385 21.31 0.85 -18.01
N CYS A 386 20.99 2.02 -17.46
CA CYS A 386 21.86 3.20 -17.43
C CYS A 386 22.53 3.56 -18.76
N LYS A 387 21.78 3.49 -19.85
CA LYS A 387 22.36 3.65 -21.18
C LYS A 387 22.45 5.09 -21.67
N LYS A 388 21.58 5.95 -21.14
CA LYS A 388 21.48 7.35 -21.50
C LYS A 388 21.56 8.14 -20.20
N PRO A 389 22.25 9.30 -20.21
CA PRO A 389 22.54 10.09 -19.02
C PRO A 389 21.30 10.49 -18.19
N ASP A 390 20.18 10.80 -18.84
CA ASP A 390 18.97 11.19 -18.09
C ASP A 390 17.81 10.22 -18.30
N GLN A 391 18.15 8.96 -18.57
CA GLN A 391 17.20 7.92 -18.93
C GLN A 391 15.97 8.01 -18.01
N HIS A 392 14.76 8.05 -18.55
CA HIS A 392 13.57 8.29 -17.69
C HIS A 392 12.74 7.03 -17.32
N PHE A 393 13.37 5.87 -17.35
CA PHE A 393 12.80 4.66 -16.81
C PHE A 393 13.96 3.84 -16.30
N LYS A 394 13.65 2.91 -15.40
CA LYS A 394 14.65 1.99 -14.91
C LYS A 394 14.11 0.58 -15.02
N PRO A 395 14.88 -0.30 -15.67
CA PRO A 395 14.48 -1.70 -15.77
C PRO A 395 14.74 -2.51 -14.48
N TYR A 396 13.83 -3.44 -14.20
CA TYR A 396 13.94 -4.36 -13.07
C TYR A 396 13.46 -5.75 -13.44
N MET A 397 14.14 -6.78 -12.90
CA MET A 397 13.47 -8.09 -12.77
C MET A 397 12.43 -7.82 -11.66
N LYS A 398 11.22 -8.34 -11.83
CA LYS A 398 10.13 -8.03 -10.89
C LYS A 398 10.46 -8.27 -9.41
N GLN A 399 11.22 -9.32 -9.12
CA GLN A 399 11.58 -9.63 -7.74
C GLN A 399 12.53 -8.57 -7.17
N HIS A 400 13.14 -7.75 -8.03
CA HIS A 400 14.01 -6.66 -7.55
C HIS A 400 13.31 -5.33 -7.34
N LEU A 401 12.04 -5.23 -7.75
CA LEU A 401 11.29 -4.00 -7.48
C LEU A 401 11.23 -3.76 -5.95
N PRO A 402 11.21 -2.48 -5.49
CA PRO A 402 10.99 -2.12 -4.08
C PRO A 402 9.86 -2.97 -3.52
N LYS A 403 10.14 -3.58 -2.38
CA LYS A 403 9.20 -4.50 -1.77
C LYS A 403 7.91 -3.81 -1.36
N ARG A 404 7.97 -2.49 -1.13
CA ARG A 404 6.78 -1.73 -0.74
C ARG A 404 5.74 -1.73 -1.84
N LEU A 405 6.13 -1.98 -3.09
CA LEU A 405 5.14 -2.06 -4.19
C LEU A 405 4.34 -3.35 -4.20
N HIS A 406 4.84 -4.39 -3.55
CA HIS A 406 4.18 -5.72 -3.51
C HIS A 406 3.71 -6.13 -4.90
N TYR A 407 4.62 -6.06 -5.87
CA TYR A 407 4.25 -6.22 -7.29
C TYR A 407 5.10 -7.27 -8.01
N ALA A 408 4.89 -8.53 -7.67
CA ALA A 408 5.71 -9.59 -8.24
C ALA A 408 5.04 -10.95 -8.23
N ASN A 409 4.32 -11.29 -7.15
CA ASN A 409 3.76 -12.65 -6.98
C ASN A 409 2.48 -12.93 -7.77
N ASN A 410 2.55 -12.81 -9.09
CA ASN A 410 1.42 -13.16 -9.94
C ASN A 410 1.96 -13.48 -11.32
N ARG A 411 1.49 -14.57 -11.91
CA ARG A 411 1.95 -14.99 -13.27
C ARG A 411 1.55 -13.98 -14.35
N ARG A 412 0.62 -13.08 -14.04
CA ARG A 412 0.24 -12.03 -14.98
C ARG A 412 1.21 -10.82 -14.96
N ILE A 413 2.13 -10.81 -14.01
CA ILE A 413 3.12 -9.74 -13.94
C ILE A 413 4.40 -10.27 -14.63
N GLU A 414 4.75 -9.64 -15.75
CA GLU A 414 5.89 -10.07 -16.55
C GLU A 414 7.20 -9.96 -15.75
N ASP A 415 8.12 -10.90 -15.99
CA ASP A 415 9.43 -10.88 -15.28
C ASP A 415 10.18 -9.54 -15.39
N ILE A 416 10.13 -8.93 -16.58
CA ILE A 416 10.79 -7.67 -16.82
C ILE A 416 9.81 -6.50 -16.64
N HIS A 417 10.20 -5.57 -15.77
CA HIS A 417 9.41 -4.40 -15.47
C HIS A 417 10.19 -3.11 -15.67
N LEU A 418 9.52 -2.06 -16.15
CA LEU A 418 10.15 -0.76 -16.22
C LEU A 418 9.43 0.18 -15.31
N LEU A 419 10.15 0.72 -14.33
CA LEU A 419 9.60 1.83 -13.55
C LEU A 419 9.87 3.12 -14.27
N VAL A 420 8.78 3.76 -14.68
CA VAL A 420 8.84 4.98 -15.48
C VAL A 420 8.86 6.22 -14.61
N ASP A 421 9.77 7.15 -14.88
CA ASP A 421 9.75 8.45 -14.16
C ASP A 421 8.45 9.18 -14.29
N ARG A 422 8.02 9.83 -13.20
CA ARG A 422 6.84 10.67 -13.25
C ARG A 422 7.02 11.65 -14.43
N ARG A 423 5.92 11.94 -15.12
CA ARG A 423 5.86 12.88 -16.25
CA ARG A 423 5.85 12.88 -16.26
C ARG A 423 6.24 12.23 -17.59
N TRP A 424 6.68 10.96 -17.54
CA TRP A 424 7.12 10.23 -18.76
C TRP A 424 6.25 9.06 -19.15
N HIS A 425 6.39 8.66 -20.42
CA HIS A 425 5.95 7.39 -20.95
C HIS A 425 7.12 6.57 -21.51
N VAL A 426 6.91 5.26 -21.57
CA VAL A 426 7.75 4.38 -22.36
C VAL A 426 6.87 3.75 -23.47
N ALA A 427 7.44 3.62 -24.69
CA ALA A 427 6.73 2.94 -25.78
C ALA A 427 7.75 2.07 -26.51
N ARG A 428 7.30 1.16 -27.36
CA ARG A 428 8.21 0.25 -28.05
C ARG A 428 8.96 0.96 -29.21
N LYS A 429 8.20 1.64 -30.07
CA LYS A 429 8.73 2.34 -31.26
CA LYS A 429 8.79 2.40 -31.18
C LYS A 429 7.95 3.65 -31.46
N PRO A 430 8.58 4.68 -32.08
CA PRO A 430 7.80 5.93 -32.27
C PRO A 430 6.44 5.79 -32.97
N LEU A 431 6.31 4.84 -33.90
CA LEU A 431 5.06 4.65 -34.63
C LEU A 431 3.88 4.35 -33.69
N ASP A 432 4.13 3.66 -32.59
CA ASP A 432 3.11 3.42 -31.53
C ASP A 432 2.43 4.68 -30.94
N VAL A 433 3.17 5.78 -30.86
CA VAL A 433 2.68 7.02 -30.30
C VAL A 433 1.86 7.87 -31.29
N TYR A 434 2.25 7.86 -32.56
CA TYR A 434 1.50 8.64 -33.58
C TYR A 434 0.58 7.81 -34.54
N LYS A 435 0.84 6.50 -34.67
CA LYS A 435 -0.04 5.57 -35.43
C LYS A 435 -0.85 4.63 -34.51
N LYS A 436 -1.43 5.21 -33.44
CA LYS A 436 -2.27 4.47 -32.48
C LYS A 436 -3.76 4.69 -32.74
N CYS A 441 -0.05 16.18 -30.50
CA CYS A 441 -0.25 15.35 -29.31
C CYS A 441 -1.66 15.48 -28.74
N PHE A 442 -2.26 14.33 -28.46
CA PHE A 442 -3.58 14.26 -27.82
C PHE A 442 -3.50 14.69 -26.33
N PHE A 443 -3.04 13.77 -25.50
CA PHE A 443 -3.19 13.84 -24.05
C PHE A 443 -2.19 14.77 -23.34
N GLN A 444 -2.60 15.27 -22.18
CA GLN A 444 -1.73 16.12 -21.38
C GLN A 444 -1.58 15.60 -19.94
N GLY A 445 -2.35 14.56 -19.60
CA GLY A 445 -2.32 13.97 -18.25
C GLY A 445 -2.24 12.46 -18.35
N ASP A 446 -1.61 11.83 -17.35
CA ASP A 446 -1.73 10.40 -17.22
C ASP A 446 -1.37 10.03 -15.79
N HIS A 447 -1.50 8.74 -15.49
CA HIS A 447 -1.25 8.18 -14.14
C HIS A 447 -0.84 6.70 -14.33
N GLY A 448 -0.36 6.06 -13.25
CA GLY A 448 0.12 4.69 -13.32
C GLY A 448 1.43 4.52 -12.59
N PHE A 449 2.10 5.64 -12.32
CA PHE A 449 3.49 5.68 -11.80
C PHE A 449 3.50 5.10 -10.38
N ASP A 450 4.72 4.83 -9.89
CA ASP A 450 5.02 4.48 -8.50
C ASP A 450 4.03 5.17 -7.51
N ASN A 451 3.42 4.38 -6.63
CA ASN A 451 2.38 4.92 -5.76
C ASN A 451 2.87 5.81 -4.61
N LYS A 452 4.17 6.05 -4.51
CA LYS A 452 4.65 7.09 -3.59
C LYS A 452 4.68 8.50 -4.19
N VAL A 453 4.57 8.61 -5.53
CA VAL A 453 4.61 9.92 -6.25
C VAL A 453 3.49 10.83 -5.82
N ASN A 454 3.83 12.06 -5.42
CA ASN A 454 2.82 12.99 -4.91
C ASN A 454 1.63 13.15 -5.84
N SER A 455 1.89 13.28 -7.14
CA SER A 455 0.78 13.51 -8.06
C SER A 455 -0.19 12.33 -8.21
N MET A 456 0.23 11.13 -7.79
CA MET A 456 -0.65 9.93 -7.85
C MET A 456 -1.53 9.76 -6.61
N GLN A 457 -1.28 10.55 -5.55
CA GLN A 457 -2.08 10.43 -4.31
C GLN A 457 -3.51 10.86 -4.59
N THR A 458 -4.42 10.30 -3.83
CA THR A 458 -5.83 10.54 -4.09
C THR A 458 -6.48 10.92 -2.75
N VAL A 459 -7.80 10.86 -2.67
CA VAL A 459 -8.57 11.47 -1.57
C VAL A 459 -9.33 10.46 -0.73
N PHE A 460 -9.50 10.79 0.54
CA PHE A 460 -10.45 10.13 1.42
C PHE A 460 -11.17 11.10 2.37
N VAL A 461 -12.51 10.97 2.40
CA VAL A 461 -13.33 11.65 3.38
C VAL A 461 -14.35 10.62 3.83
N GLY A 462 -14.59 10.57 5.13
CA GLY A 462 -15.69 9.77 5.66
C GLY A 462 -16.63 10.71 6.43
N TYR A 463 -17.92 10.63 6.14
CA TYR A 463 -18.83 11.51 6.84
C TYR A 463 -20.01 10.67 7.32
N GLY A 464 -20.39 10.79 8.59
CA GLY A 464 -21.62 10.08 9.00
C GLY A 464 -21.55 9.79 10.48
N PRO A 465 -22.57 9.09 11.02
CA PRO A 465 -22.62 8.79 12.47
C PRO A 465 -21.47 7.92 12.95
N THR A 466 -20.90 7.07 12.10
CA THR A 466 -19.84 6.14 12.52
C THR A 466 -18.46 6.78 12.41
N PHE A 467 -18.31 7.80 11.57
CA PHE A 467 -17.04 8.52 11.45
C PHE A 467 -16.96 9.59 12.52
N LYS A 468 -15.75 9.99 12.83
CA LYS A 468 -15.51 11.12 13.74
CA LYS A 468 -15.52 11.11 13.75
C LYS A 468 -15.91 12.48 13.18
N TYR A 469 -16.09 13.44 14.09
CA TYR A 469 -16.51 14.80 13.76
C TYR A 469 -15.31 15.72 13.63
N ARG A 470 -15.23 16.47 12.53
CA ARG A 470 -14.14 17.47 12.25
C ARG A 470 -12.77 16.94 12.57
N THR A 471 -12.41 15.78 12.04
CA THR A 471 -11.19 15.13 12.50
C THR A 471 -10.31 14.96 11.30
N LYS A 472 -9.03 15.29 11.45
CA LYS A 472 -8.06 15.05 10.42
C LYS A 472 -7.27 13.82 10.86
N VAL A 473 -7.04 12.88 9.95
CA VAL A 473 -6.23 11.72 10.27
C VAL A 473 -5.03 11.70 9.33
N PRO A 474 -3.95 11.01 9.73
CA PRO A 474 -2.79 10.93 8.84
C PRO A 474 -3.06 10.16 7.55
N PRO A 475 -2.23 10.36 6.53
CA PRO A 475 -2.42 9.64 5.25
C PRO A 475 -2.34 8.15 5.52
N PHE A 476 -3.01 7.34 4.71
CA PHE A 476 -3.05 5.91 4.90
C PHE A 476 -3.25 5.29 3.53
N GLU A 477 -3.03 3.98 3.42
CA GLU A 477 -3.13 3.26 2.16
C GLU A 477 -4.52 2.74 1.92
N ASN A 478 -4.92 2.79 0.65
CA ASN A 478 -6.24 2.29 0.29
C ASN A 478 -6.52 0.80 0.58
N ILE A 479 -5.47 -0.02 0.73
CA ILE A 479 -5.65 -1.45 1.11
C ILE A 479 -6.31 -1.56 2.49
N GLU A 480 -6.28 -0.46 3.27
CA GLU A 480 -6.89 -0.51 4.63
C GLU A 480 -8.39 -0.33 4.67
N LEU A 481 -8.99 0.16 3.59
CA LEU A 481 -10.38 0.62 3.65
C LEU A 481 -11.39 -0.50 3.66
N TYR A 482 -11.11 -1.62 2.96
CA TYR A 482 -12.06 -2.75 2.98
C TYR A 482 -12.40 -3.14 4.40
N ASN A 483 -11.39 -3.26 5.27
CA ASN A 483 -11.67 -3.64 6.69
C ASN A 483 -12.67 -2.66 7.33
N VAL A 484 -12.43 -1.37 7.10
CA VAL A 484 -13.24 -0.33 7.72
C VAL A 484 -14.68 -0.36 7.15
N MET A 485 -14.79 -0.57 5.84
CA MET A 485 -16.11 -0.71 5.25
C MET A 485 -16.83 -1.92 5.84
N CYS A 486 -16.13 -3.03 6.03
CA CYS A 486 -16.66 -4.18 6.78
C CYS A 486 -17.11 -3.80 8.21
N ASP A 487 -16.27 -3.07 8.95
CA ASP A 487 -16.64 -2.54 10.30
C ASP A 487 -17.92 -1.65 10.26
N LEU A 488 -18.02 -0.78 9.26
CA LEU A 488 -19.19 0.08 9.09
C LEU A 488 -20.46 -0.69 8.86
N LEU A 489 -20.35 -1.92 8.31
CA LEU A 489 -21.53 -2.72 8.00
C LEU A 489 -21.70 -3.92 8.93
N GLY A 490 -20.86 -4.02 9.96
CA GLY A 490 -20.87 -5.17 10.87
C GLY A 490 -20.49 -6.48 10.17
N LEU A 491 -19.62 -6.44 9.16
CA LEU A 491 -19.20 -7.65 8.48
C LEU A 491 -17.83 -8.11 8.96
N LYS A 492 -17.58 -9.42 8.90
CA LYS A 492 -16.26 -9.97 9.11
C LYS A 492 -15.49 -9.90 7.76
N PRO A 493 -14.35 -9.20 7.73
CA PRO A 493 -13.67 -9.09 6.42
C PRO A 493 -13.07 -10.44 6.00
N ALA A 494 -13.08 -10.74 4.71
CA ALA A 494 -12.33 -11.87 4.20
C ALA A 494 -10.81 -11.56 4.39
N PRO A 495 -9.97 -12.59 4.37
CA PRO A 495 -8.52 -12.35 4.67
C PRO A 495 -7.92 -11.35 3.69
N ASN A 496 -7.25 -10.32 4.20
CA ASN A 496 -6.81 -9.29 3.23
C ASN A 496 -5.50 -8.67 3.69
N ASN A 497 -5.03 -7.65 2.96
CA ASN A 497 -3.70 -7.05 3.27
C ASN A 497 -3.75 -5.80 4.13
N GLY A 498 -4.96 -5.38 4.47
CA GLY A 498 -5.08 -4.34 5.51
C GLY A 498 -4.59 -4.92 6.85
N THR A 499 -4.42 -4.02 7.81
CA THR A 499 -4.02 -4.36 9.15
C THR A 499 -5.20 -3.86 10.00
N HIS A 500 -6.03 -4.80 10.39
CA HIS A 500 -7.36 -4.46 10.93
C HIS A 500 -7.18 -3.88 12.33
N GLY A 501 -7.67 -2.66 12.50
CA GLY A 501 -7.39 -1.86 13.69
C GLY A 501 -6.53 -0.64 13.41
N SER A 502 -5.71 -0.69 12.36
CA SER A 502 -4.83 0.44 12.08
C SER A 502 -5.62 1.72 11.72
N LEU A 503 -6.87 1.58 11.25
CA LEU A 503 -7.70 2.75 11.00
C LEU A 503 -8.79 2.98 12.05
N ASN A 504 -8.60 2.48 13.27
CA ASN A 504 -9.66 2.69 14.30
C ASN A 504 -9.82 4.16 14.66
N HIS A 505 -8.75 4.93 14.55
CA HIS A 505 -8.81 6.38 14.83
C HIS A 505 -9.68 7.18 13.86
N LEU A 506 -10.22 6.55 12.81
CA LEU A 506 -11.17 7.22 11.93
C LEU A 506 -12.59 7.21 12.45
N LEU A 507 -12.85 6.31 13.41
CA LEU A 507 -14.21 5.89 13.75
C LEU A 507 -14.63 6.31 15.13
N ARG A 508 -15.90 6.72 15.22
CA ARG A 508 -16.48 7.07 16.50
C ARG A 508 -16.83 5.80 17.26
N THR A 509 -17.37 4.80 16.57
CA THR A 509 -17.82 3.52 17.18
C THR A 509 -17.51 2.40 16.16
N ASN A 510 -17.91 1.17 16.46
CA ASN A 510 -17.64 -0.04 15.61
C ASN A 510 -16.15 -0.31 15.45
N THR A 511 -15.33 0.15 16.42
CA THR A 511 -13.92 -0.12 16.24
C THR A 511 -13.65 -1.64 16.32
N PHE A 512 -12.48 -2.03 15.86
CA PHE A 512 -12.12 -3.42 15.85
C PHE A 512 -10.95 -3.54 16.77
N ARG A 513 -11.14 -4.32 17.83
CA ARG A 513 -10.17 -4.30 18.90
C ARG A 513 -9.37 -5.58 18.87
N PRO A 514 -8.30 -5.61 18.06
CA PRO A 514 -7.54 -6.86 17.87
C PRO A 514 -6.66 -7.15 19.11
N THR A 515 -6.25 -8.40 19.28
CA THR A 515 -5.29 -8.75 20.30
C THR A 515 -3.96 -9.04 19.57
N MET A 516 -2.84 -8.84 20.25
CA MET A 516 -1.53 -9.08 19.65
C MET A 516 -1.40 -10.57 19.33
N PRO A 517 -0.72 -10.92 18.24
CA PRO A 517 -0.55 -12.37 18.00
C PRO A 517 0.27 -13.04 19.10
N ASP A 518 0.01 -14.29 19.36
CA ASP A 518 0.78 -14.99 20.41
C ASP A 518 2.13 -15.41 19.87
N GLU A 519 3.17 -15.32 20.72
CA GLU A 519 4.50 -15.74 20.31
C GLU A 519 4.43 -17.24 20.12
N VAL A 520 5.08 -17.78 19.11
CA VAL A 520 5.03 -19.22 18.87
C VAL A 520 6.28 -19.87 19.41
N SER A 521 7.45 -19.24 19.25
CA SER A 521 8.68 -19.85 19.72
C SER A 521 9.27 -19.00 20.82
N ARG A 522 9.55 -19.61 21.95
CA ARG A 522 10.25 -18.85 23.00
C ARG A 522 11.76 -18.99 22.81
N PRO A 523 12.50 -17.95 23.17
CA PRO A 523 13.95 -17.96 23.04
C PRO A 523 14.65 -18.82 24.10
N ASN A 524 15.84 -19.28 23.77
CA ASN A 524 16.77 -19.79 24.78
C ASN A 524 17.64 -18.63 25.18
N TYR A 525 18.17 -18.65 26.41
CA TYR A 525 19.09 -17.66 26.92
C TYR A 525 20.39 -18.38 27.31
N PRO A 526 21.25 -18.67 26.32
CA PRO A 526 22.47 -19.42 26.63
C PRO A 526 23.53 -18.61 27.43
N GLY A 527 24.21 -19.29 28.34
CA GLY A 527 25.37 -18.69 29.00
C GLY A 527 26.61 -19.27 28.33
N ILE A 528 27.77 -19.08 28.97
CA ILE A 528 29.03 -19.56 28.42
C ILE A 528 29.10 -21.08 28.50
N MET A 529 29.17 -21.73 27.34
CA MET A 529 29.02 -23.18 27.25
CA MET A 529 29.04 -23.18 27.27
C MET A 529 30.13 -23.88 26.46
N TYR A 530 31.02 -23.11 25.82
CA TYR A 530 32.00 -23.68 24.86
C TYR A 530 33.32 -23.06 25.09
N LEU A 531 34.39 -23.85 24.97
CA LEU A 531 35.71 -23.29 25.05
C LEU A 531 36.16 -22.89 23.65
N GLN A 532 36.97 -21.85 23.58
CA GLN A 532 37.53 -21.33 22.34
C GLN A 532 38.03 -22.44 21.44
N SER A 533 38.78 -23.38 21.99
CA SER A 533 39.39 -24.43 21.14
C SER A 533 38.42 -25.43 20.52
N GLU A 534 37.15 -25.43 20.94
CA GLU A 534 36.18 -26.28 20.28
C GLU A 534 35.78 -25.74 18.91
N PHE A 535 36.14 -24.50 18.62
CA PHE A 535 35.73 -23.93 17.34
C PHE A 535 36.84 -24.09 16.35
N ASP A 536 36.48 -24.61 15.18
CA ASP A 536 37.41 -24.74 14.09
C ASP A 536 36.74 -24.07 12.88
N LEU A 537 36.64 -22.74 12.95
CA LEU A 537 35.88 -22.01 11.96
C LEU A 537 36.78 -21.33 10.95
N GLY A 538 38.08 -21.41 11.17
CA GLY A 538 39.02 -20.75 10.26
C GLY A 538 38.97 -19.25 10.49
N CYS A 539 38.40 -18.83 11.62
CA CYS A 539 38.35 -17.40 11.96
C CYS A 539 39.55 -17.05 12.80
N THR A 540 39.96 -15.78 12.79
CA THR A 540 41.03 -15.32 13.67
C THR A 540 40.69 -13.93 14.14
N CYS A 541 41.24 -13.57 15.29
CA CYS A 541 41.14 -12.22 15.81
C CYS A 541 42.35 -11.92 16.69
N ASP A 542 42.92 -10.73 16.52
CA ASP A 542 43.99 -10.23 17.39
C ASP A 542 43.40 -9.72 18.72
N ASP A 543 42.86 -10.62 19.54
CA ASP A 543 42.17 -10.16 20.76
C ASP A 543 42.73 -10.66 22.08
N LYS A 544 43.85 -11.37 22.04
CA LYS A 544 44.43 -11.95 23.25
C LYS A 544 45.30 -10.98 24.07
N VAL A 545 44.68 -9.92 24.60
CA VAL A 545 45.38 -8.98 25.49
C VAL A 545 44.59 -8.84 26.81
N GLU A 546 45.13 -9.44 27.88
CA GLU A 546 44.42 -9.75 29.17
C GLU A 546 43.14 -8.94 29.48
N ASN A 549 40.68 -8.19 36.10
CA ASN A 549 40.34 -6.94 36.79
C ASN A 549 38.89 -6.95 37.29
N LYS A 550 38.69 -7.28 38.57
CA LYS A 550 37.35 -7.39 39.23
C LYS A 550 36.36 -6.22 39.04
N LEU A 551 36.88 -4.98 38.95
CA LEU A 551 36.07 -3.78 38.65
C LEU A 551 35.32 -3.95 37.31
N GLU A 552 36.05 -4.40 36.29
CA GLU A 552 35.53 -4.55 34.93
C GLU A 552 35.10 -5.99 34.57
N GLU A 553 35.54 -6.97 35.37
CA GLU A 553 35.14 -8.37 35.18
C GLU A 553 33.70 -8.63 35.59
N LEU A 554 33.25 -8.04 36.70
CA LEU A 554 31.85 -8.15 37.10
C LEU A 554 30.97 -7.40 36.08
N ASN A 555 31.53 -6.31 35.54
CA ASN A 555 30.86 -5.44 34.58
C ASN A 555 30.52 -6.10 33.22
N LYS A 556 31.51 -6.78 32.63
CA LYS A 556 31.31 -7.53 31.39
C LYS A 556 30.23 -8.62 31.57
N ARG A 557 30.26 -9.28 32.73
CA ARG A 557 29.30 -10.33 33.09
C ARG A 557 27.85 -9.85 33.15
N LEU A 558 27.63 -8.69 33.77
CA LEU A 558 26.30 -8.08 33.88
C LEU A 558 25.75 -7.78 32.47
N HIS A 559 26.62 -7.25 31.59
CA HIS A 559 26.25 -6.89 30.21
C HIS A 559 25.80 -8.09 29.38
N THR A 560 26.47 -9.23 29.59
CA THR A 560 26.13 -10.49 28.91
C THR A 560 24.85 -11.10 29.49
N LYS A 561 24.49 -10.70 30.72
CA LYS A 561 23.22 -11.11 31.36
C LYS A 561 22.06 -10.15 31.09
N GLY A 562 22.31 -9.06 30.38
CA GLY A 562 21.21 -8.19 29.98
C GLY A 562 21.05 -6.89 30.74
N SER A 563 22.11 -6.46 31.44
CA SER A 563 22.06 -5.22 32.26
C SER A 563 21.83 -3.90 31.48
N THR A 564 22.29 -3.83 30.24
CA THR A 564 22.01 -2.65 29.41
C THR A 564 20.80 -2.89 28.49
N LYS A 565 20.06 -3.99 28.70
CA LYS A 565 19.05 -4.38 27.70
C LYS A 565 17.90 -3.37 27.58
N GLU A 566 17.58 -2.68 28.68
CA GLU A 566 16.47 -1.72 28.71
C GLU A 566 16.80 -0.52 27.82
N ARG A 567 18.10 -0.27 27.61
CA ARG A 567 18.55 0.83 26.78
C ARG A 567 18.48 0.46 25.28
N HIS A 568 18.82 -0.78 24.95
CA HIS A 568 18.91 -1.18 23.53
C HIS A 568 17.70 -1.87 23.00
N LEU A 569 16.87 -2.39 23.89
CA LEU A 569 15.64 -3.01 23.47
C LEU A 569 14.45 -2.21 24.03
N LEU A 570 14.05 -1.18 23.32
CA LEU A 570 13.13 -0.17 23.89
C LEU A 570 11.66 -0.51 23.88
N TYR A 571 11.25 -1.42 23.00
CA TYR A 571 9.83 -1.74 22.79
C TYR A 571 9.57 -3.21 23.00
N GLY A 572 10.42 -3.83 23.83
CA GLY A 572 10.36 -5.27 24.11
C GLY A 572 11.00 -6.11 23.02
N ARG A 573 11.23 -7.38 23.27
CA ARG A 573 11.81 -8.15 22.20
C ARG A 573 10.73 -8.47 21.18
N PRO A 574 11.11 -8.52 19.90
CA PRO A 574 10.13 -8.94 18.88
C PRO A 574 9.63 -10.35 19.18
N ALA A 575 8.37 -10.62 18.90
CA ALA A 575 7.87 -11.99 19.04
C ALA A 575 8.06 -12.77 17.73
N VAL A 576 8.47 -14.03 17.85
CA VAL A 576 8.69 -14.92 16.72
C VAL A 576 7.42 -15.69 16.52
N LEU A 577 6.75 -15.49 15.37
CA LEU A 577 5.42 -16.03 15.17
C LEU A 577 5.42 -17.33 14.38
N TYR A 578 6.52 -18.03 14.39
CA TYR A 578 6.57 -19.35 13.73
C TYR A 578 7.47 -20.25 14.56
N ARG A 579 7.46 -21.54 14.24
CA ARG A 579 8.20 -22.55 15.02
CA ARG A 579 8.20 -22.55 15.00
C ARG A 579 9.68 -22.56 14.62
N THR A 580 10.56 -22.25 15.55
CA THR A 580 11.98 -22.27 15.21
C THR A 580 12.83 -22.31 16.49
N SER A 581 14.15 -22.43 16.35
CA SER A 581 15.02 -22.49 17.51
CA SER A 581 15.01 -22.48 17.52
C SER A 581 15.93 -21.28 17.50
N TYR A 582 15.83 -20.47 18.52
CA TYR A 582 16.67 -19.28 18.52
C TYR A 582 17.11 -18.86 19.91
N ASP A 583 18.17 -18.06 19.98
CA ASP A 583 18.76 -17.63 21.23
C ASP A 583 18.75 -16.13 21.35
N ILE A 584 18.40 -15.63 22.53
CA ILE A 584 18.69 -14.24 22.86
C ILE A 584 20.13 -14.09 23.34
N LEU A 585 20.86 -13.17 22.70
CA LEU A 585 22.24 -12.86 23.05
C LEU A 585 22.34 -11.40 23.51
N TYR A 586 22.87 -11.17 24.71
CA TYR A 586 22.99 -9.83 25.23
C TYR A 586 24.42 -9.34 25.12
N HIS A 587 24.56 -8.04 24.92
CA HIS A 587 25.87 -7.38 24.80
C HIS A 587 25.74 -5.97 25.37
N THR A 588 26.87 -5.37 25.70
CA THR A 588 26.90 -3.98 26.17
C THR A 588 26.10 -3.06 25.27
N ASP A 589 26.32 -3.16 23.95
CA ASP A 589 25.80 -2.17 22.99
C ASP A 589 24.60 -2.62 22.16
N PHE A 590 24.22 -3.89 22.25
CA PHE A 590 23.18 -4.44 21.38
C PHE A 590 22.69 -5.78 21.88
N GLU A 591 21.48 -6.14 21.45
CA GLU A 591 20.82 -7.38 21.86
CA GLU A 591 20.88 -7.40 21.87
C GLU A 591 20.41 -8.06 20.58
N SER A 592 20.48 -9.38 20.52
CA SER A 592 20.04 -10.04 19.26
C SER A 592 19.24 -11.29 19.52
N GLY A 593 18.43 -11.67 18.53
CA GLY A 593 17.77 -12.95 18.53
C GLY A 593 18.40 -13.73 17.42
N TYR A 594 19.21 -14.72 17.82
CA TYR A 594 20.13 -15.47 16.95
C TYR A 594 19.48 -16.80 16.57
N SER A 595 19.27 -17.01 15.27
CA SER A 595 18.60 -18.24 14.81
C SER A 595 19.62 -19.36 14.61
N GLU A 596 19.39 -20.48 15.28
CA GLU A 596 20.24 -21.67 15.16
C GLU A 596 20.02 -22.37 13.87
N ILE A 597 18.90 -22.05 13.22
CA ILE A 597 18.49 -22.65 11.94
C ILE A 597 19.12 -21.91 10.75
N PHE A 598 19.06 -20.56 10.75
CA PHE A 598 19.63 -19.77 9.65
C PHE A 598 21.05 -19.32 9.95
N LEU A 599 21.55 -19.62 11.15
CA LEU A 599 22.95 -19.35 11.56
C LEU A 599 23.29 -17.85 11.62
N MET A 600 22.29 -17.02 11.92
CA MET A 600 22.51 -15.59 12.00
C MET A 600 21.34 -14.96 12.75
N PRO A 601 21.48 -13.68 13.18
CA PRO A 601 20.32 -13.08 13.81
C PRO A 601 19.12 -12.92 12.91
N LEU A 602 17.97 -13.10 13.53
CA LEU A 602 16.70 -12.74 12.90
C LEU A 602 16.52 -11.24 13.09
N TRP A 603 17.10 -10.73 14.16
CA TRP A 603 16.98 -9.30 14.50
C TRP A 603 18.13 -8.93 15.42
N THR A 604 18.52 -7.66 15.33
CA THR A 604 19.60 -7.13 16.19
C THR A 604 19.09 -5.72 16.55
N SER A 605 19.01 -5.42 17.85
CA SER A 605 18.43 -4.17 18.37
C SER A 605 19.49 -3.35 19.13
N TYR A 606 19.56 -2.07 18.84
CA TYR A 606 20.52 -1.22 19.53
C TYR A 606 20.06 0.23 19.50
N THR A 607 20.46 0.97 20.52
CA THR A 607 20.07 2.36 20.59
C THR A 607 21.31 3.26 20.49
N ILE A 608 21.22 4.31 19.66
CA ILE A 608 22.29 5.30 19.43
C ILE A 608 21.77 6.68 19.91
N SER A 609 22.38 7.25 20.93
CA SER A 609 21.88 8.53 21.45
C SER A 609 22.42 9.64 20.54
N LYS A 610 21.83 10.84 20.67
CA LYS A 610 22.33 12.02 19.98
C LYS A 610 23.82 12.25 20.25
N GLN A 611 24.24 11.93 21.47
CA GLN A 611 25.61 12.14 21.96
C GLN A 611 26.64 11.11 21.44
N ALA A 612 26.17 9.93 21.02
CA ALA A 612 27.05 8.85 20.58
C ALA A 612 28.13 9.29 19.60
N GLU A 613 29.29 8.66 19.71
CA GLU A 613 30.40 8.93 18.82
C GLU A 613 30.69 7.75 17.90
N VAL A 614 31.09 8.08 16.67
CA VAL A 614 31.51 7.14 15.65
C VAL A 614 33.01 6.97 15.75
N SER A 615 33.46 5.72 15.74
CA SER A 615 34.88 5.40 15.70
C SER A 615 35.15 4.55 14.48
N SER A 616 36.42 4.26 14.20
CA SER A 616 36.73 3.34 13.10
C SER A 616 37.05 1.95 13.63
N ILE A 617 37.09 1.00 12.72
CA ILE A 617 37.59 -0.33 13.02
C ILE A 617 39.13 -0.22 13.09
N PRO A 618 39.70 -0.33 14.30
CA PRO A 618 41.15 -0.36 14.50
C PRO A 618 41.85 -1.34 13.56
N GLU A 619 43.07 -1.02 13.18
CA GLU A 619 43.83 -1.83 12.21
C GLU A 619 43.95 -3.28 12.55
N HIS A 620 44.29 -3.58 13.80
CA HIS A 620 44.55 -4.97 14.19
C HIS A 620 43.26 -5.81 14.24
N LEU A 621 42.11 -5.13 14.15
CA LEU A 621 40.79 -5.79 14.16
C LEU A 621 40.11 -5.87 12.77
N THR A 622 40.81 -5.50 11.69
CA THR A 622 40.16 -5.38 10.37
C THR A 622 39.49 -6.69 9.92
N ASN A 623 40.18 -7.81 10.08
CA ASN A 623 39.60 -9.10 9.68
C ASN A 623 39.23 -9.99 10.86
N CYS A 624 39.06 -9.38 12.03
CA CYS A 624 38.70 -10.10 13.26
C CYS A 624 37.28 -10.71 13.20
N VAL A 625 37.16 -12.01 13.38
CA VAL A 625 35.88 -12.67 13.70
C VAL A 625 36.14 -13.57 14.90
N ARG A 626 35.29 -13.49 15.93
CA ARG A 626 35.52 -14.14 17.21
C ARG A 626 34.41 -15.16 17.44
N PRO A 627 34.77 -16.41 17.72
CA PRO A 627 33.75 -17.39 18.20
C PRO A 627 32.95 -16.86 19.42
N ASP A 628 31.66 -17.16 19.41
CA ASP A 628 30.77 -16.86 20.49
C ASP A 628 30.59 -18.09 21.37
N VAL A 629 31.15 -18.02 22.57
CA VAL A 629 31.21 -19.16 23.51
C VAL A 629 29.85 -19.50 24.13
N ARG A 630 28.81 -18.71 23.82
CA ARG A 630 27.45 -19.09 24.15
C ARG A 630 26.77 -19.99 23.10
N VAL A 631 27.35 -20.12 21.91
CA VAL A 631 26.65 -20.73 20.77
C VAL A 631 27.53 -21.84 20.21
N SER A 632 26.97 -23.02 20.01
CA SER A 632 27.78 -24.15 19.57
CA SER A 632 27.76 -24.16 19.57
C SER A 632 28.48 -23.92 18.22
N PRO A 633 29.71 -24.53 18.03
CA PRO A 633 30.34 -24.43 16.71
C PRO A 633 29.38 -24.89 15.60
N GLY A 634 28.60 -25.94 15.88
CA GLY A 634 27.67 -26.50 14.86
C GLY A 634 26.54 -25.54 14.48
N PHE A 635 26.28 -24.53 15.33
CA PHE A 635 25.24 -23.53 15.07
C PHE A 635 25.82 -22.17 14.74
N SER A 636 27.08 -22.17 14.26
CA SER A 636 27.82 -20.94 13.97
C SER A 636 28.17 -20.90 12.51
N GLN A 637 28.34 -19.68 11.99
CA GLN A 637 28.96 -19.53 10.66
C GLN A 637 30.46 -19.84 10.74
N ASN A 638 31.12 -19.94 9.60
CA ASN A 638 32.57 -20.09 9.63
C ASN A 638 33.23 -19.22 8.61
N CYS A 639 34.44 -18.78 8.93
CA CYS A 639 35.18 -17.87 8.08
C CYS A 639 35.70 -18.52 6.79
N LEU A 640 35.96 -19.82 6.85
CA LEU A 640 36.54 -20.52 5.72
C LEU A 640 35.58 -20.47 4.54
N ALA A 641 34.28 -20.64 4.82
CA ALA A 641 33.29 -20.56 3.76
C ALA A 641 33.39 -19.21 3.01
N TYR A 642 33.62 -18.11 3.76
CA TYR A 642 33.70 -16.81 3.14
C TYR A 642 34.99 -16.68 2.35
N LYS A 643 36.09 -17.20 2.90
CA LYS A 643 37.35 -17.22 2.13
C LYS A 643 37.14 -17.96 0.80
N ASN A 644 36.56 -19.15 0.87
CA ASN A 644 36.31 -19.99 -0.32
C ASN A 644 35.33 -19.43 -1.35
N ASP A 645 34.30 -18.71 -0.88
CA ASP A 645 33.28 -18.12 -1.77
C ASP A 645 33.82 -16.84 -2.35
N LYS A 646 34.26 -16.90 -3.59
CA LYS A 646 34.88 -15.76 -4.24
C LYS A 646 33.94 -14.56 -4.49
N GLN A 647 32.64 -14.79 -4.49
CA GLN A 647 31.65 -13.72 -4.68
C GLN A 647 31.13 -13.10 -3.38
N MET A 648 31.21 -13.83 -2.28
CA MET A 648 30.46 -13.43 -1.08
C MET A 648 31.42 -12.97 -0.01
N SER A 649 31.17 -11.83 0.59
CA SER A 649 31.93 -11.41 1.75
C SER A 649 30.97 -11.40 2.97
N TYR A 650 31.28 -10.66 4.02
CA TYR A 650 30.38 -10.56 5.18
C TYR A 650 30.34 -9.17 5.74
N GLY A 651 29.26 -8.87 6.49
CA GLY A 651 29.17 -7.59 7.25
C GLY A 651 28.65 -7.94 8.63
N PHE A 652 28.34 -6.93 9.42
CA PHE A 652 27.88 -7.10 10.78
C PHE A 652 26.57 -6.33 10.96
N LEU A 653 25.69 -6.90 11.77
CA LEU A 653 24.41 -6.28 11.98
C LEU A 653 24.52 -5.11 12.94
N PHE A 654 25.08 -5.33 14.13
CA PHE A 654 25.44 -4.18 14.97
C PHE A 654 26.79 -3.64 14.43
N PRO A 655 26.85 -2.34 14.08
CA PRO A 655 28.07 -1.82 13.41
C PRO A 655 29.24 -1.59 14.43
N PRO A 656 30.40 -2.17 14.18
CA PRO A 656 31.57 -1.87 15.02
C PRO A 656 31.88 -0.38 15.16
N TYR A 657 31.49 0.45 14.19
CA TYR A 657 31.73 1.90 14.27
C TYR A 657 31.04 2.57 15.41
N LEU A 658 29.96 1.97 15.89
CA LEU A 658 29.15 2.62 16.92
C LEU A 658 29.33 2.05 18.31
N SER A 659 30.42 1.30 18.46
CA SER A 659 30.73 0.70 19.75
C SER A 659 30.86 1.79 20.81
N SER A 660 30.48 1.48 22.04
CA SER A 660 30.47 2.46 23.11
C SER A 660 31.87 2.65 23.70
N SER A 661 32.76 1.70 23.46
CA SER A 661 34.12 1.78 24.03
C SER A 661 35.00 0.81 23.28
N PRO A 662 36.34 1.01 23.34
CA PRO A 662 37.26 0.06 22.71
C PRO A 662 37.03 -1.37 23.18
N GLU A 663 36.69 -1.58 24.46
CA GLU A 663 36.43 -2.94 24.92
C GLU A 663 35.09 -3.52 24.40
N ALA A 664 34.05 -2.70 24.38
CA ALA A 664 32.76 -3.16 23.87
C ALA A 664 32.87 -3.52 22.38
N LYS A 665 33.78 -2.85 21.67
CA LYS A 665 33.92 -3.11 20.26
C LYS A 665 34.18 -4.58 19.92
N TYR A 666 34.82 -5.35 20.83
CA TYR A 666 35.10 -6.75 20.54
C TYR A 666 33.84 -7.55 20.32
N ASP A 667 32.74 -7.18 21.01
CA ASP A 667 31.45 -7.85 20.85
C ASP A 667 30.95 -7.78 19.42
N ALA A 668 31.22 -6.65 18.76
CA ALA A 668 30.73 -6.46 17.38
C ALA A 668 31.33 -7.41 16.37
N PHE A 669 32.47 -8.01 16.72
CA PHE A 669 33.12 -8.97 15.82
C PHE A 669 32.78 -10.43 16.11
N LEU A 670 31.84 -10.66 17.03
CA LEU A 670 31.36 -12.01 17.28
C LEU A 670 30.80 -12.62 15.98
N VAL A 671 31.03 -13.90 15.81
CA VAL A 671 30.62 -14.65 14.61
C VAL A 671 29.11 -14.66 14.57
N THR A 672 28.50 -14.50 15.74
CA THR A 672 27.04 -14.41 15.83
C THR A 672 26.44 -13.04 15.44
N ASN A 673 27.28 -12.07 15.10
CA ASN A 673 26.81 -10.74 14.66
C ASN A 673 27.09 -10.62 13.15
N MET A 674 27.66 -11.66 12.54
CA MET A 674 28.10 -11.63 11.12
CA MET A 674 28.07 -11.56 11.13
C MET A 674 26.99 -12.07 10.17
N VAL A 675 26.93 -11.48 8.98
CA VAL A 675 25.93 -11.87 8.00
C VAL A 675 26.55 -11.85 6.61
N PRO A 676 26.06 -12.69 5.69
CA PRO A 676 26.69 -12.70 4.38
C PRO A 676 26.31 -11.49 3.53
N MET A 677 27.34 -10.89 2.92
CA MET A 677 27.15 -9.67 2.12
C MET A 677 28.05 -9.65 0.91
N TYR A 678 27.43 -9.49 -0.24
CA TYR A 678 28.19 -9.17 -1.47
C TYR A 678 29.00 -7.90 -1.29
N PRO A 679 30.25 -7.86 -1.82
CA PRO A 679 31.02 -6.60 -1.74
C PRO A 679 30.27 -5.38 -2.27
N ALA A 680 29.47 -5.53 -3.30
CA ALA A 680 28.80 -4.39 -3.83
C ALA A 680 27.79 -3.88 -2.79
N PHE A 681 27.14 -4.81 -2.12
CA PHE A 681 26.18 -4.42 -1.07
C PHE A 681 26.85 -3.82 0.17
N LYS A 682 28.08 -4.24 0.45
CA LYS A 682 28.82 -3.71 1.59
C LYS A 682 29.08 -2.25 1.47
N ARG A 683 29.25 -1.76 0.25
CA ARG A 683 29.32 -0.30 0.05
C ARG A 683 28.10 0.40 0.62
N VAL A 684 26.93 -0.13 0.30
CA VAL A 684 25.67 0.43 0.77
C VAL A 684 25.60 0.36 2.32
N TRP A 685 25.78 -0.84 2.82
CA TRP A 685 25.61 -1.17 4.21
C TRP A 685 26.59 -0.36 5.10
N ALA A 686 27.84 -0.26 4.66
CA ALA A 686 28.88 0.41 5.46
C ALA A 686 28.59 1.92 5.55
N TYR A 687 28.06 2.46 4.46
CA TYR A 687 27.69 3.87 4.46
C TYR A 687 26.50 4.11 5.38
N PHE A 688 25.47 3.28 5.28
CA PHE A 688 24.36 3.33 6.23
C PHE A 688 24.85 3.26 7.71
N GLN A 689 25.73 2.32 8.02
CA GLN A 689 26.12 2.13 9.41
C GLN A 689 27.10 3.20 9.96
N ARG A 690 28.06 3.61 9.12
CA ARG A 690 29.13 4.54 9.51
C ARG A 690 28.65 5.98 9.47
N VAL A 691 27.82 6.33 8.48
CA VAL A 691 27.38 7.72 8.29
C VAL A 691 25.91 7.97 8.66
N LEU A 692 25.01 7.19 8.11
CA LEU A 692 23.59 7.53 8.22
C LEU A 692 23.00 7.31 9.61
N VAL A 693 23.35 6.23 10.29
CA VAL A 693 22.77 6.01 11.62
C VAL A 693 23.08 7.21 12.54
N LYS A 694 24.34 7.62 12.55
CA LYS A 694 24.71 8.76 13.38
C LYS A 694 23.92 9.99 12.94
N LYS A 695 23.80 10.20 11.63
CA LYS A 695 23.03 11.34 11.10
C LYS A 695 21.61 11.38 11.60
N TYR A 696 20.92 10.24 11.52
CA TYR A 696 19.57 10.13 12.04
C TYR A 696 19.54 10.33 13.57
N ALA A 697 20.53 9.81 14.30
CA ALA A 697 20.48 10.00 15.76
C ALA A 697 20.59 11.51 16.09
N SER A 698 21.43 12.23 15.34
CA SER A 698 21.57 13.71 15.50
C SER A 698 20.27 14.43 15.23
N GLU A 699 19.63 14.10 14.10
CA GLU A 699 18.41 14.75 13.65
C GLU A 699 17.19 14.38 14.47
N ARG A 700 17.14 13.15 15.00
CA ARG A 700 15.91 12.62 15.61
C ARG A 700 16.03 12.57 17.11
N ASN A 701 17.19 12.99 17.60
CA ASN A 701 17.47 12.96 19.04
C ASN A 701 17.57 11.53 19.60
N GLY A 702 18.51 10.78 19.04
CA GLY A 702 18.67 9.38 19.39
C GLY A 702 17.78 8.59 18.44
N VAL A 703 18.25 7.41 18.10
CA VAL A 703 17.38 6.42 17.42
C VAL A 703 17.57 5.03 18.01
N ASN A 704 16.49 4.25 18.00
CA ASN A 704 16.60 2.84 18.22
C ASN A 704 16.61 2.16 16.85
N VAL A 705 17.56 1.26 16.63
CA VAL A 705 17.63 0.56 15.35
C VAL A 705 17.43 -0.95 15.55
N ILE A 706 16.58 -1.54 14.72
CA ILE A 706 16.54 -3.03 14.62
C ILE A 706 16.82 -3.42 13.19
N SER A 707 17.86 -4.24 12.99
CA SER A 707 18.27 -4.65 11.66
C SER A 707 18.26 -6.13 11.55
N GLY A 708 18.18 -6.66 10.34
CA GLY A 708 18.24 -8.14 10.20
C GLY A 708 18.14 -8.55 8.73
N PRO A 709 18.24 -9.86 8.47
CA PRO A 709 18.11 -10.41 7.12
C PRO A 709 16.68 -10.71 6.79
N ILE A 710 16.41 -10.73 5.50
CA ILE A 710 15.15 -11.19 4.93
C ILE A 710 15.44 -12.21 3.85
N PHE A 711 14.63 -13.28 3.83
CA PHE A 711 14.77 -14.32 2.76
C PHE A 711 13.43 -14.37 2.04
N ASP A 712 13.37 -13.96 0.77
CA ASP A 712 12.11 -14.04 0.03
C ASP A 712 12.44 -14.45 -1.39
N TYR A 713 12.93 -15.68 -1.53
CA TYR A 713 13.35 -16.15 -2.82
C TYR A 713 12.17 -16.42 -3.76
N ASN A 714 10.96 -16.67 -3.24
CA ASN A 714 9.80 -16.84 -4.15
C ASN A 714 8.97 -15.54 -4.27
N TYR A 715 9.54 -14.42 -3.85
CA TYR A 715 9.00 -13.10 -3.95
C TYR A 715 7.50 -13.03 -3.66
N ASP A 716 7.07 -13.68 -2.58
CA ASP A 716 5.64 -13.62 -2.23
C ASP A 716 5.37 -12.62 -1.09
N GLY A 717 6.41 -11.90 -0.69
CA GLY A 717 6.32 -10.92 0.42
C GLY A 717 6.25 -11.57 1.81
N LEU A 718 6.41 -12.90 1.88
CA LEU A 718 6.34 -13.63 3.14
C LEU A 718 7.64 -14.37 3.44
N ARG A 719 7.95 -14.49 4.72
CA ARG A 719 9.14 -15.17 5.20
C ARG A 719 9.33 -16.53 4.48
N ASP A 720 10.52 -16.81 3.96
CA ASP A 720 10.81 -18.16 3.41
C ASP A 720 11.07 -19.15 4.53
N THR A 721 10.63 -20.39 4.32
CA THR A 721 11.07 -21.47 5.15
C THR A 721 12.46 -21.91 4.62
N GLU A 722 13.15 -22.74 5.39
CA GLU A 722 14.47 -23.27 5.06
C GLU A 722 14.54 -23.88 3.66
N ASP A 723 13.53 -24.64 3.29
CA ASP A 723 13.58 -25.37 2.02
C ASP A 723 13.27 -24.49 0.80
N GLU A 724 13.10 -23.18 1.02
CA GLU A 724 12.88 -22.22 -0.09
C GLU A 724 14.13 -21.44 -0.51
N ILE A 725 15.20 -21.57 0.27
CA ILE A 725 16.45 -20.82 0.04
C ILE A 725 17.17 -21.33 -1.19
N LYS A 726 17.45 -20.43 -2.12
CA LYS A 726 18.05 -20.82 -3.40
C LYS A 726 19.54 -20.64 -3.42
N GLN A 727 20.12 -20.00 -2.41
CA GLN A 727 21.55 -19.70 -2.46
CA GLN A 727 21.54 -19.66 -2.46
C GLN A 727 22.14 -19.72 -1.05
N TYR A 728 23.30 -20.35 -0.94
CA TYR A 728 24.06 -20.47 0.30
C TYR A 728 25.46 -19.94 0.03
N VAL A 729 26.13 -19.54 1.09
CA VAL A 729 27.55 -19.25 0.99
C VAL A 729 28.24 -20.57 0.57
N GLU A 730 29.06 -20.50 -0.46
CA GLU A 730 29.67 -21.69 -1.07
C GLU A 730 30.22 -22.70 -0.07
N GLY A 731 29.69 -23.91 -0.17
CA GLY A 731 30.23 -25.03 0.56
C GLY A 731 29.76 -25.05 1.98
N SER A 732 28.66 -24.35 2.29
CA SER A 732 28.16 -24.26 3.66
C SER A 732 26.65 -24.28 3.67
N SER A 733 26.08 -24.26 4.88
CA SER A 733 24.66 -24.16 5.08
C SER A 733 24.26 -22.74 5.52
N ILE A 734 25.11 -21.77 5.25
CA ILE A 734 24.82 -20.35 5.59
C ILE A 734 23.94 -19.82 4.45
N PRO A 735 22.64 -19.53 4.74
CA PRO A 735 21.75 -19.07 3.68
C PRO A 735 21.99 -17.59 3.31
N VAL A 736 21.84 -17.21 2.03
CA VAL A 736 22.10 -15.85 1.67
C VAL A 736 20.77 -15.09 1.70
N PRO A 737 20.71 -13.95 2.43
CA PRO A 737 19.49 -13.16 2.46
C PRO A 737 19.22 -12.53 1.09
N THR A 738 17.94 -12.35 0.73
CA THR A 738 17.61 -11.58 -0.48
C THR A 738 17.57 -10.06 -0.17
N HIS A 739 17.38 -9.70 1.09
CA HIS A 739 17.26 -8.32 1.49
C HIS A 739 17.81 -8.14 2.91
N TYR A 740 18.14 -6.89 3.26
CA TYR A 740 18.43 -6.54 4.66
C TYR A 740 17.52 -5.39 5.08
N TYR A 741 16.91 -5.49 6.27
CA TYR A 741 15.99 -4.43 6.73
C TYR A 741 16.60 -3.64 7.87
N SER A 742 16.08 -2.42 8.10
CA SER A 742 16.29 -1.75 9.39
C SER A 742 15.01 -1.01 9.73
N ILE A 743 14.65 -1.05 11.01
CA ILE A 743 13.53 -0.32 11.56
C ILE A 743 14.15 0.73 12.50
N ILE A 744 13.86 2.00 12.27
CA ILE A 744 14.57 3.11 12.98
C ILE A 744 13.54 3.96 13.71
N THR A 745 13.51 3.84 15.04
CA THR A 745 12.41 4.40 15.82
C THR A 745 12.96 5.49 16.76
N SER A 746 12.15 6.50 17.01
CA SER A 746 12.52 7.58 17.90
C SER A 746 11.24 8.21 18.44
N CYS A 747 11.37 9.28 19.22
CA CYS A 747 10.20 9.95 19.84
C CYS A 747 9.60 10.91 18.83
N LEU A 748 8.27 10.90 18.69
CA LEU A 748 7.61 11.81 17.76
C LEU A 748 7.90 13.24 18.26
N ASP A 749 7.85 13.43 19.56
CA ASP A 749 8.32 14.69 20.16
C ASP A 749 9.82 14.60 20.34
N PHE A 750 10.56 15.10 19.35
CA PHE A 750 12.01 15.01 19.28
C PHE A 750 12.74 15.84 20.34
N THR A 751 11.99 16.56 21.18
CA THR A 751 12.59 17.19 22.35
C THR A 751 12.90 16.17 23.40
N GLN A 752 12.29 14.98 23.30
CA GLN A 752 12.69 13.86 24.17
C GLN A 752 13.58 12.85 23.42
N PRO A 753 14.62 12.33 24.10
CA PRO A 753 15.55 11.36 23.53
C PRO A 753 14.84 10.04 23.25
N ALA A 754 15.32 9.28 22.26
CA ALA A 754 14.64 8.04 21.88
C ALA A 754 14.43 7.13 23.10
N ASP A 755 15.44 7.05 23.98
CA ASP A 755 15.34 6.15 25.15
C ASP A 755 14.58 6.70 26.38
N LYS A 756 14.02 7.91 26.28
CA LYS A 756 13.20 8.47 27.34
C LYS A 756 12.01 9.19 26.76
N CYS A 757 11.24 8.47 25.97
CA CYS A 757 10.12 9.01 25.23
C CYS A 757 8.84 8.66 25.98
N ASP A 758 8.03 9.64 26.30
CA ASP A 758 6.79 9.41 27.06
C ASP A 758 5.54 9.22 26.23
N GLY A 759 5.58 9.55 24.95
CA GLY A 759 4.36 9.55 24.14
C GLY A 759 4.51 8.79 22.85
N PRO A 760 3.84 9.27 21.78
CA PRO A 760 3.89 8.64 20.45
C PRO A 760 5.30 8.48 19.85
N LEU A 761 5.44 7.44 19.01
CA LEU A 761 6.72 7.10 18.41
C LEU A 761 6.76 7.63 16.98
N SER A 762 7.95 7.68 16.40
CA SER A 762 8.14 8.03 14.99
C SER A 762 9.03 6.96 14.36
N VAL A 763 8.70 6.50 13.16
CA VAL A 763 9.47 5.41 12.59
C VAL A 763 9.79 5.67 11.13
N SER A 764 10.96 5.20 10.69
CA SER A 764 11.19 5.01 9.25
C SER A 764 11.91 3.67 9.09
N SER A 765 11.68 3.00 7.95
CA SER A 765 12.24 1.68 7.77
C SER A 765 12.61 1.48 6.35
N PHE A 766 13.41 0.46 6.10
CA PHE A 766 13.74 0.14 4.72
C PHE A 766 13.98 -1.35 4.55
N ILE A 767 13.84 -1.84 3.32
CA ILE A 767 14.11 -3.24 2.99
C ILE A 767 15.04 -3.17 1.78
N LEU A 768 16.34 -3.27 2.02
CA LEU A 768 17.29 -3.05 0.92
C LEU A 768 17.55 -4.33 0.19
N PRO A 769 17.48 -4.35 -1.15
CA PRO A 769 17.75 -5.61 -1.83
C PRO A 769 19.25 -5.98 -1.71
N HIS A 770 19.52 -7.26 -1.47
CA HIS A 770 20.89 -7.69 -1.24
C HIS A 770 21.48 -8.11 -2.58
N ARG A 771 22.00 -7.15 -3.33
CA ARG A 771 22.38 -7.49 -4.73
C ARG A 771 23.91 -7.53 -4.94
N PRO A 772 24.38 -8.41 -5.85
CA PRO A 772 25.80 -8.53 -6.07
C PRO A 772 26.40 -7.44 -6.95
N ASP A 773 25.57 -6.51 -7.44
CA ASP A 773 26.04 -5.37 -8.20
C ASP A 773 25.20 -4.18 -7.79
N ASN A 774 25.63 -2.98 -8.13
CA ASN A 774 24.83 -1.80 -7.90
C ASN A 774 24.29 -1.24 -9.21
N ASP A 775 23.95 -2.12 -10.14
CA ASP A 775 23.41 -1.68 -11.44
C ASP A 775 22.14 -0.84 -11.30
N GLU A 776 21.40 -1.05 -10.22
CA GLU A 776 20.21 -0.27 -9.93
C GLU A 776 20.56 1.21 -9.78
N SER A 777 21.73 1.52 -9.22
CA SER A 777 22.10 2.94 -9.02
C SER A 777 23.07 3.45 -10.15
N CYS A 778 22.57 4.31 -11.05
CA CYS A 778 23.38 4.71 -12.21
C CYS A 778 24.62 5.51 -11.82
N ASN A 779 24.61 6.13 -10.64
CA ASN A 779 25.73 6.94 -10.18
CA ASN A 779 25.72 6.95 -10.16
C ASN A 779 26.61 6.24 -9.14
N SER A 780 26.58 4.91 -9.13
CA SER A 780 27.30 4.13 -8.09
C SER A 780 28.83 4.10 -8.19
N SER A 781 29.40 4.51 -9.32
CA SER A 781 30.84 4.68 -9.39
CA SER A 781 30.86 4.71 -9.41
C SER A 781 31.27 5.88 -8.53
N GLU A 782 30.33 6.75 -8.20
CA GLU A 782 30.63 7.89 -7.36
C GLU A 782 30.67 7.50 -5.86
N ASP A 783 31.01 8.46 -5.02
CA ASP A 783 31.08 8.26 -3.58
C ASP A 783 29.67 8.00 -3.07
N GLU A 784 29.60 7.07 -2.12
CA GLU A 784 28.34 6.64 -1.50
C GLU A 784 27.46 7.83 -1.10
N SER A 785 28.07 8.98 -0.81
CA SER A 785 27.32 10.17 -0.41
C SER A 785 26.46 10.75 -1.55
N LYS A 786 26.63 10.22 -2.76
CA LYS A 786 25.92 10.71 -3.95
C LYS A 786 24.82 9.77 -4.42
N TRP A 787 24.76 8.57 -3.85
CA TRP A 787 23.82 7.57 -4.33
C TRP A 787 23.20 6.64 -3.30
N VAL A 788 23.84 6.41 -2.15
CA VAL A 788 23.34 5.40 -1.24
C VAL A 788 22.01 5.84 -0.61
N GLU A 789 21.92 7.07 -0.14
CA GLU A 789 20.71 7.44 0.58
C GLU A 789 19.48 7.44 -0.36
N GLU A 790 19.72 7.85 -1.61
CA GLU A 790 18.73 7.80 -2.67
C GLU A 790 18.22 6.35 -2.93
N LEU A 791 19.14 5.39 -2.95
CA LEU A 791 18.75 3.98 -3.01
C LEU A 791 17.89 3.56 -1.79
N MET A 792 18.32 3.94 -0.62
CA MET A 792 17.57 3.56 0.57
C MET A 792 16.18 4.14 0.57
N LYS A 793 16.05 5.39 0.10
CA LYS A 793 14.74 6.05 0.03
C LYS A 793 13.82 5.31 -0.93
N MET A 794 14.37 4.80 -2.05
CA MET A 794 13.58 4.06 -3.02
CA MET A 794 13.57 4.05 -3.01
C MET A 794 12.97 2.80 -2.38
N HIS A 795 13.71 2.25 -1.40
CA HIS A 795 13.41 0.99 -0.71
C HIS A 795 12.87 1.17 0.70
N THR A 796 12.33 2.37 0.95
CA THR A 796 11.55 2.63 2.13
C THR A 796 10.43 1.59 2.34
N ALA A 797 10.04 1.32 3.59
CA ALA A 797 9.14 0.21 3.86
C ALA A 797 8.31 0.51 5.08
N ARG A 798 7.17 -0.18 5.21
CA ARG A 798 6.41 -0.15 6.49
C ARG A 798 6.96 -1.23 7.40
N VAL A 799 6.85 -1.00 8.70
CA VAL A 799 7.19 -2.06 9.62
C VAL A 799 6.38 -3.32 9.27
N ARG A 800 5.10 -3.13 8.91
CA ARG A 800 4.30 -4.27 8.55
C ARG A 800 4.89 -5.13 7.41
N ASP A 801 5.53 -4.47 6.43
CA ASP A 801 6.10 -5.20 5.29
C ASP A 801 7.20 -6.13 5.84
N ILE A 802 7.99 -5.61 6.78
CA ILE A 802 9.05 -6.37 7.39
C ILE A 802 8.51 -7.52 8.26
N GLU A 803 7.40 -7.26 8.96
CA GLU A 803 6.72 -8.32 9.70
C GLU A 803 6.34 -9.53 8.81
N HIS A 804 5.72 -9.25 7.66
CA HIS A 804 5.33 -10.32 6.73
C HIS A 804 6.58 -11.07 6.30
N LEU A 805 7.64 -10.32 5.99
CA LEU A 805 8.88 -10.91 5.43
C LEU A 805 9.72 -11.72 6.42
N THR A 806 9.46 -11.54 7.70
CA THR A 806 10.33 -12.12 8.75
C THR A 806 9.59 -13.03 9.74
N GLY A 807 8.26 -12.91 9.81
CA GLY A 807 7.48 -13.64 10.84
C GLY A 807 7.73 -13.11 12.24
N LEU A 808 8.16 -11.85 12.34
CA LEU A 808 8.39 -11.21 13.64
C LEU A 808 7.26 -10.23 13.92
N ASP A 809 7.01 -9.95 15.19
CA ASP A 809 5.99 -8.96 15.58
C ASP A 809 6.71 -7.98 16.50
N PHE A 810 6.77 -6.72 16.09
CA PHE A 810 7.54 -5.66 16.77
C PHE A 810 6.65 -4.81 17.69
N TYR A 811 7.29 -3.92 18.44
CA TYR A 811 6.60 -3.04 19.40
C TYR A 811 5.65 -3.77 20.37
N ARG A 812 6.09 -4.88 20.93
CA ARG A 812 5.23 -5.67 21.82
C ARG A 812 5.02 -5.02 23.20
N LYS A 813 5.94 -4.15 23.59
CA LYS A 813 5.97 -3.56 24.95
C LYS A 813 6.21 -2.08 24.89
N THR A 814 5.15 -1.32 24.72
CA THR A 814 5.22 0.13 24.75
C THR A 814 4.13 0.57 25.72
N SER A 815 4.08 1.87 25.99
CA SER A 815 2.97 2.39 26.80
C SER A 815 1.84 2.84 25.88
N ARG A 816 1.94 2.54 24.58
CA ARG A 816 0.96 3.03 23.63
C ARG A 816 -0.18 2.06 23.39
N SER A 817 -1.34 2.57 22.99
CA SER A 817 -2.52 1.73 22.70
C SER A 817 -2.23 0.86 21.46
N TYR A 818 -2.80 -0.33 21.40
CA TYR A 818 -2.43 -1.26 20.34
C TYR A 818 -2.83 -0.71 18.96
N SER A 819 -4.00 -0.08 18.84
CA SER A 819 -4.41 0.51 17.54
CA SER A 819 -4.39 0.46 17.53
C SER A 819 -3.43 1.56 17.07
N GLU A 820 -2.92 2.35 18.01
CA GLU A 820 -1.94 3.38 17.66
C GLU A 820 -0.66 2.70 17.14
N ILE A 821 -0.27 1.61 17.76
CA ILE A 821 0.91 0.83 17.31
C ILE A 821 0.64 0.24 15.92
N LEU A 822 -0.58 -0.23 15.68
CA LEU A 822 -0.92 -0.75 14.34
C LEU A 822 -0.79 0.34 13.25
N THR A 823 -1.22 1.55 13.58
CA THR A 823 -1.09 2.67 12.68
C THR A 823 0.40 2.93 12.41
N LEU A 824 1.19 2.95 13.47
CA LEU A 824 2.64 3.15 13.34
C LEU A 824 3.26 2.06 12.45
N LYS A 825 2.80 0.83 12.61
CA LYS A 825 3.38 -0.29 11.82
C LYS A 825 3.00 -0.17 10.33
N THR A 826 1.87 0.46 10.00
CA THR A 826 1.55 0.70 8.58
C THR A 826 2.13 2.00 7.99
N TYR A 827 2.75 2.85 8.80
CA TYR A 827 3.35 4.09 8.32
C TYR A 827 4.43 3.82 7.28
N LEU A 828 4.42 4.64 6.22
CA LEU A 828 5.51 4.58 5.24
C LEU A 828 6.16 5.95 5.15
N HIS A 829 7.46 6.05 5.33
CA HIS A 829 8.10 7.36 5.17
C HIS A 829 8.38 7.52 3.68
N THR A 830 7.77 8.48 3.01
CA THR A 830 7.88 8.50 1.50
C THR A 830 8.97 9.33 0.90
N TYR A 831 9.47 10.32 1.66
CA TYR A 831 10.50 11.28 1.15
C TYR A 831 10.03 12.15 -0.02
N GLU A 832 8.74 12.27 -0.21
CA GLU A 832 8.23 13.19 -1.19
C GLU A 832 8.13 14.55 -0.47
N SER A 833 8.26 15.65 -1.19
CA SER A 833 7.97 16.95 -0.55
C SER A 833 6.46 17.12 -0.19
N GLU A 834 6.03 18.32 0.18
CA GLU A 834 4.61 18.59 0.54
C GLU A 834 3.64 18.39 -0.62
C1 NAG B . -2.24 -10.43 1.20
C2 NAG B . -1.06 -11.29 1.58
C3 NAG B . -1.26 -12.68 0.92
C4 NAG B . -2.59 -13.31 1.23
C5 NAG B . -3.75 -12.32 1.02
C6 NAG B . -5.07 -12.93 1.52
C7 NAG B . 1.13 -10.23 1.99
C8 NAG B . 2.40 -9.67 1.41
N2 NAG B . 0.20 -10.69 1.12
O3 NAG B . -0.20 -13.54 1.37
O4 NAG B . -2.76 -14.35 0.28
O5 NAG B . -3.44 -11.09 1.65
O6 NAG B . -4.87 -13.34 2.87
O7 NAG B . 0.99 -10.27 3.20
C1 NAG B . -3.01 -15.66 0.81
C2 NAG B . -3.74 -16.37 -0.35
C3 NAG B . -3.95 -17.82 0.08
C4 NAG B . -2.65 -18.54 0.52
C5 NAG B . -1.72 -17.70 1.43
C6 NAG B . -0.24 -18.21 1.36
C7 NAG B . -5.14 -14.80 -1.77
C8 NAG B . -6.54 -14.23 -2.05
N2 NAG B . -4.99 -15.71 -0.77
O3 NAG B . -4.58 -18.45 -1.03
O4 NAG B . -2.93 -19.76 1.19
O5 NAG B . -1.77 -16.29 1.12
O6 NAG B . 0.43 -17.82 0.14
O7 NAG B . -4.24 -14.37 -2.49
C1 BMA B . -2.86 -20.87 0.24
C2 BMA B . -2.12 -22.08 0.80
C3 BMA B . -2.13 -23.31 -0.15
C4 BMA B . -3.49 -23.50 -0.89
C5 BMA B . -4.14 -22.18 -1.31
C6 BMA B . -5.56 -22.35 -1.88
O2 BMA B . -2.69 -22.38 2.06
O3 BMA B . -1.75 -24.52 0.51
O4 BMA B . -3.31 -24.26 -2.06
O5 BMA B . -4.15 -21.27 -0.22
O6 BMA B . -5.80 -21.15 -2.57
C1 MAN B . -7.12 -21.06 -3.21
C2 MAN B . -7.04 -20.02 -4.35
C3 MAN B . -7.04 -18.58 -3.77
C4 MAN B . -8.23 -18.39 -2.81
C5 MAN B . -8.33 -19.50 -1.74
C6 MAN B . -9.61 -19.40 -0.86
O2 MAN B . -8.06 -20.18 -5.32
O3 MAN B . -7.04 -17.52 -4.73
O4 MAN B . -8.19 -17.08 -2.28
O5 MAN B . -8.22 -20.81 -2.32
O6 MAN B . -10.80 -19.03 -1.52
C1 MAN B . -5.79 -17.38 -5.47
C2 MAN B . -5.55 -15.90 -5.82
C3 MAN B . -6.64 -15.43 -6.81
C4 MAN B . -6.79 -16.40 -8.01
C5 MAN B . -6.80 -17.88 -7.58
C6 MAN B . -6.73 -18.82 -8.77
O2 MAN B . -4.26 -15.80 -6.45
O3 MAN B . -6.42 -14.13 -7.31
O4 MAN B . -7.97 -16.07 -8.73
O5 MAN B . -5.72 -18.14 -6.68
O6 MAN B . -5.39 -18.87 -9.21
C1 MAN B . -3.19 -15.30 -5.60
C2 MAN B . -2.05 -14.83 -6.54
C3 MAN B . -1.28 -16.03 -7.11
C4 MAN B . -0.86 -17.04 -6.03
C5 MAN B . -2.06 -17.43 -5.12
C6 MAN B . -1.69 -18.43 -4.00
O2 MAN B . -1.11 -14.01 -5.88
O3 MAN B . -0.16 -15.54 -7.82
O4 MAN B . -0.28 -18.18 -6.63
O5 MAN B . -2.73 -16.24 -4.61
O6 MAN B . -2.82 -19.06 -3.43
C1 MAN B . -0.36 -24.96 0.32
C2 MAN B . -0.26 -26.46 -0.08
C3 MAN B . -0.15 -27.48 1.11
C4 MAN B . -0.05 -26.90 2.53
C5 MAN B . -0.07 -25.37 2.63
C6 MAN B . 0.60 -24.87 3.92
O2 MAN B . 0.85 -26.64 -0.94
O3 MAN B . 0.96 -28.33 0.93
O4 MAN B . -1.13 -27.44 3.30
O5 MAN B . 0.47 -24.75 1.46
O6 MAN B . -0.38 -24.25 4.74
C1 MAN B . 0.45 -27.32 -2.16
C2 MAN B . 1.28 -28.60 -2.44
C3 MAN B . 2.75 -28.23 -2.80
C4 MAN B . 2.80 -27.15 -3.91
C5 MAN B . 1.81 -25.99 -3.67
C6 MAN B . 1.70 -25.08 -4.88
O2 MAN B . 0.65 -29.37 -3.44
O3 MAN B . 3.55 -29.35 -3.15
O4 MAN B . 4.12 -26.64 -3.98
O5 MAN B . 0.49 -26.46 -3.30
O6 MAN B . 0.96 -25.73 -5.91
C10 Y4Z C . -14.21 0.43 -13.33
C11 Y4Z C . -16.95 1.30 -11.72
C15 Y4Z C . -17.16 -0.49 -9.28
C16 Y4Z C . -16.97 0.44 -8.18
C17 Y4Z C . -17.65 1.63 -8.15
C18 Y4Z C . -17.45 2.50 -7.07
C19 Y4Z C . -16.58 2.15 -6.05
C20 Y4Z C . -15.94 0.94 -6.10
C21 Y4Z C . -16.13 0.06 -7.16
C22 Y4Z C . -18.51 1.31 -13.61
C26 Y4Z C . -15.54 -0.19 -3.99
N1 Y4Z C . -16.04 -0.57 -10.22
C2 Y4Z C . -14.96 -1.45 -10.18
C3 Y4Z C . -14.16 -1.22 -11.32
C4 Y4Z C . -12.97 -1.96 -11.53
C5 Y4Z C . -12.67 -2.94 -10.57
C6 Y4Z C . -13.47 -3.17 -9.44
C7 Y4Z C . -14.62 -2.45 -9.20
C8 Y4Z C . -15.93 0.21 -11.38
C9 Y4Z C . -14.79 -0.17 -12.08
C12 Y4Z C . -15.19 0.78 -14.45
N13 Y4Z C . -17.18 1.44 -13.17
C14 Y4Z C . -16.13 1.89 -14.07
O23 Y4Z C . -19.43 1.17 -12.82
N24 Y4Z C . -18.74 1.34 -15.00
O25 Y4Z C . -15.04 0.44 -5.12
F27 Y4Z C . -16.06 -1.41 -4.25
F28 Y4Z C . -16.46 0.58 -3.37
F29 Y4Z C . -14.59 -0.41 -3.12
C ACT D . 9.33 8.65 -9.82
O ACT D . 9.75 8.71 -8.62
OXT ACT D . 9.27 9.67 -10.57
CH3 ACT D . 8.91 7.31 -10.36
CA CA E . -9.01 5.71 -12.63
K K F . 34.67 -14.20 -0.14
CL CL G . -1.47 -1.79 -17.16
ZN ZN H . -7.17 7.63 -16.31
NA NA I . 25.71 1.31 -10.97
CA CA J . 8.75 -15.99 0.57
#